data_4URJ
#
_entry.id   4URJ
#
_cell.length_a   78.120
_cell.length_b   50.730
_cell.length_c   120.290
_cell.angle_alpha   90.00
_cell.angle_beta   105.27
_cell.angle_gamma   90.00
#
_symmetry.space_group_name_H-M   'P 1 21 1'
#
loop_
_entity.id
_entity.type
_entity.pdbx_description
1 polymer 'PROTEIN FAM83A'
2 non-polymer 1,2-ETHANEDIOL
3 water water
#
_entity_poly.entity_id   1
_entity_poly.type   'polypeptide(L)'
_entity_poly.pdbx_seq_one_letter_code
;SMASAEKPYLKEKSSATVYFQTVKHNNIRDLVRRCITRTSQVLVILMDVFTDVEIFCDILEAANKRGVFVCVLLDQGGVK
LFQEMCDKVQISDSHLKNISIRSVEGEIYCAKSGRKFAGQIREKFIISDWRFVLSGSYSFTWLCGHVHRNILSKFTGQAV
ELFDEEFRHLYASSKPVMGLKSPRL
;
_entity_poly.pdbx_strand_id   A,B,C,D
#
loop_
_chem_comp.id
_chem_comp.type
_chem_comp.name
_chem_comp.formula
EDO non-polymer 1,2-ETHANEDIOL 'C2 H6 O2'
#
# COMPACT_ATOMS: atom_id res chain seq x y z
N SER A 15 -20.82 -5.79 -6.00
CA SER A 15 -21.80 -6.87 -6.04
C SER A 15 -22.11 -7.44 -4.65
N ALA A 16 -23.17 -8.24 -4.57
CA ALA A 16 -23.60 -8.87 -3.32
C ALA A 16 -24.15 -10.27 -3.57
N THR A 17 -23.76 -11.20 -2.71
CA THR A 17 -24.12 -12.60 -2.84
C THR A 17 -24.58 -13.11 -1.47
N VAL A 18 -25.54 -14.02 -1.47
CA VAL A 18 -26.03 -14.59 -0.22
C VAL A 18 -25.98 -16.10 -0.26
N TYR A 19 -25.40 -16.68 0.79
CA TYR A 19 -25.21 -18.13 0.90
C TYR A 19 -26.08 -18.72 2.01
N PHE A 20 -26.76 -19.82 1.71
CA PHE A 20 -27.58 -20.51 2.71
C PHE A 20 -27.00 -21.88 3.02
N GLN A 21 -27.10 -22.28 4.28
CA GLN A 21 -26.44 -23.49 4.74
C GLN A 21 -27.07 -24.75 4.15
N THR A 22 -26.22 -25.58 3.53
CA THR A 22 -26.66 -26.87 3.01
C THR A 22 -26.74 -27.87 4.16
N VAL A 23 -27.65 -28.82 4.06
CA VAL A 23 -27.87 -29.78 5.13
C VAL A 23 -26.69 -30.75 5.25
N LYS A 24 -26.26 -31.28 4.10
CA LYS A 24 -25.27 -32.35 4.05
C LYS A 24 -23.94 -31.94 4.66
N HIS A 25 -23.46 -30.78 4.23
CA HIS A 25 -22.16 -30.27 4.65
C HIS A 25 -22.28 -28.79 5.02
N ASN A 26 -21.39 -28.32 5.89
CA ASN A 26 -21.43 -26.92 6.33
C ASN A 26 -20.64 -26.01 5.40
N ASN A 27 -21.31 -25.53 4.36
CA ASN A 27 -20.69 -24.63 3.40
C ASN A 27 -20.39 -23.26 3.99
N ILE A 28 -21.17 -22.87 4.98
CA ILE A 28 -21.00 -21.57 5.64
C ILE A 28 -19.63 -21.51 6.31
N ARG A 29 -19.30 -22.56 7.06
CA ARG A 29 -18.00 -22.63 7.72
C ARG A 29 -16.90 -22.60 6.69
N ASP A 30 -17.05 -23.37 5.62
CA ASP A 30 -16.02 -23.50 4.60
C ASP A 30 -15.74 -22.17 3.93
N LEU A 31 -16.79 -21.38 3.72
CA LEU A 31 -16.61 -20.09 3.09
C LEU A 31 -15.83 -19.14 4.00
N VAL A 32 -16.01 -19.27 5.31
CA VAL A 32 -15.30 -18.44 6.27
C VAL A 32 -13.84 -18.86 6.29
N ARG A 33 -13.59 -20.15 6.45
CA ARG A 33 -12.22 -20.66 6.49
C ARG A 33 -11.48 -20.40 5.16
N ARG A 34 -12.19 -20.52 4.04
CA ARG A 34 -11.59 -20.23 2.74
C ARG A 34 -11.23 -18.76 2.62
N CYS A 35 -12.09 -17.90 3.15
CA CYS A 35 -11.84 -16.47 3.12
C CYS A 35 -10.54 -16.13 3.86
N ILE A 36 -10.29 -16.84 4.96
CA ILE A 36 -9.10 -16.61 5.77
C ILE A 36 -7.86 -17.25 5.16
N THR A 37 -8.00 -18.45 4.62
CA THR A 37 -6.84 -19.15 4.10
C THR A 37 -6.39 -18.57 2.76
N ARG A 38 -7.24 -17.75 2.14
CA ARG A 38 -6.93 -17.19 0.82
C ARG A 38 -6.56 -15.71 0.89
N THR A 39 -6.67 -15.13 2.08
CA THR A 39 -6.30 -13.72 2.27
C THR A 39 -4.81 -13.54 2.09
N SER A 40 -4.42 -12.55 1.30
CA SER A 40 -3.01 -12.34 0.96
C SER A 40 -2.26 -11.43 1.94
N GLN A 41 -2.88 -10.31 2.30
CA GLN A 41 -2.17 -9.22 2.99
C GLN A 41 -2.86 -8.75 4.26
N VAL A 42 -4.14 -8.41 4.20
CA VAL A 42 -4.83 -7.83 5.36
C VAL A 42 -6.15 -8.55 5.68
N LEU A 43 -6.43 -8.68 6.97
CA LEU A 43 -7.64 -9.35 7.43
C LEU A 43 -8.18 -8.70 8.70
N VAL A 44 -9.26 -7.94 8.57
CA VAL A 44 -9.89 -7.31 9.74
C VAL A 44 -11.21 -8.00 10.03
N ILE A 45 -11.46 -8.26 11.31
CA ILE A 45 -12.57 -9.09 11.73
C ILE A 45 -13.31 -8.45 12.88
N LEU A 46 -14.62 -8.33 12.74
CA LEU A 46 -15.49 -7.91 13.83
C LEU A 46 -16.25 -9.13 14.31
N MET A 47 -16.07 -9.47 15.59
CA MET A 47 -16.64 -10.67 16.14
C MET A 47 -17.30 -10.44 17.50
N ASP A 48 -18.27 -11.29 17.83
CA ASP A 48 -18.94 -11.25 19.14
C ASP A 48 -18.37 -12.32 20.06
N VAL A 49 -18.24 -13.54 19.53
CA VAL A 49 -17.72 -14.65 20.31
C VAL A 49 -16.61 -15.35 19.52
N PHE A 50 -15.54 -15.74 20.21
CA PHE A 50 -14.41 -16.38 19.57
C PHE A 50 -13.81 -17.43 20.48
N THR A 51 -14.28 -18.66 20.33
CA THR A 51 -13.86 -19.77 21.17
C THR A 51 -13.42 -20.95 20.31
N ASP A 52 -13.72 -20.89 19.01
CA ASP A 52 -13.39 -21.96 18.09
C ASP A 52 -11.90 -21.96 17.73
N VAL A 53 -11.16 -22.87 18.34
CA VAL A 53 -9.72 -22.94 18.18
C VAL A 53 -9.33 -22.99 16.71
N GLU A 54 -10.04 -23.80 15.93
CA GLU A 54 -9.67 -24.05 14.54
C GLU A 54 -9.62 -22.78 13.69
N ILE A 55 -10.58 -21.88 13.89
CA ILE A 55 -10.61 -20.65 13.12
C ILE A 55 -9.46 -19.76 13.55
N PHE A 56 -9.05 -19.85 14.81
CA PHE A 56 -7.92 -19.05 15.27
C PHE A 56 -6.64 -19.65 14.70
N CYS A 57 -6.63 -20.95 14.47
CA CYS A 57 -5.47 -21.58 13.83
C CYS A 57 -5.34 -21.10 12.39
N ASP A 58 -6.47 -20.93 11.71
CA ASP A 58 -6.47 -20.34 10.37
C ASP A 58 -5.96 -18.90 10.39
N ILE A 59 -6.16 -18.20 11.51
CA ILE A 59 -5.63 -16.85 11.66
C ILE A 59 -4.12 -16.89 11.93
N LEU A 60 -3.71 -17.75 12.85
CA LEU A 60 -2.29 -17.93 13.14
C LEU A 60 -1.50 -18.27 11.89
N GLU A 61 -2.04 -19.16 11.07
CA GLU A 61 -1.37 -19.59 9.85
C GLU A 61 -1.17 -18.41 8.92
N ALA A 62 -2.25 -17.67 8.69
CA ALA A 62 -2.21 -16.54 7.77
C ALA A 62 -1.21 -15.51 8.25
N ALA A 63 -1.10 -15.37 9.57
CA ALA A 63 -0.31 -14.31 10.15
C ALA A 63 1.18 -14.66 10.16
N ASN A 64 1.48 -15.89 10.59
CA ASN A 64 2.85 -16.30 10.82
C ASN A 64 3.46 -17.10 9.67
N LYS A 65 2.62 -17.82 8.91
CA LYS A 65 3.12 -18.60 7.79
C LYS A 65 2.98 -17.81 6.48
N ARG A 66 2.09 -16.83 6.49
CA ARG A 66 2.00 -15.87 5.39
C ARG A 66 2.29 -14.49 5.99
N GLY A 67 2.21 -13.43 5.18
CA GLY A 67 2.53 -12.10 5.69
C GLY A 67 1.35 -11.35 6.28
N VAL A 68 0.21 -12.03 6.38
CA VAL A 68 -1.07 -11.36 6.62
C VAL A 68 -1.11 -10.62 7.94
N PHE A 69 -1.48 -9.34 7.88
CA PHE A 69 -1.73 -8.58 9.10
C PHE A 69 -3.19 -8.72 9.52
N VAL A 70 -3.39 -9.21 10.74
CA VAL A 70 -4.72 -9.52 11.26
C VAL A 70 -5.11 -8.61 12.42
N CYS A 71 -6.31 -8.05 12.34
CA CYS A 71 -6.83 -7.21 13.42
C CYS A 71 -8.24 -7.65 13.79
N VAL A 72 -8.40 -8.14 15.01
CA VAL A 72 -9.68 -8.69 15.45
C VAL A 72 -10.35 -7.79 16.49
N LEU A 73 -11.43 -7.12 16.09
CA LEU A 73 -12.23 -6.35 17.03
C LEU A 73 -13.25 -7.27 17.68
N LEU A 74 -12.98 -7.67 18.92
CA LEU A 74 -13.86 -8.58 19.63
C LEU A 74 -14.76 -7.85 20.63
N ASP A 75 -16.04 -8.20 20.64
CA ASP A 75 -16.98 -7.66 21.61
C ASP A 75 -16.51 -7.96 23.02
N GLN A 76 -16.55 -6.95 23.88
CA GLN A 76 -16.01 -7.04 25.24
C GLN A 76 -16.52 -8.27 25.99
N GLY A 77 -17.73 -8.69 25.65
CA GLY A 77 -18.34 -9.83 26.32
C GLY A 77 -17.62 -11.15 26.08
N GLY A 78 -16.98 -11.30 24.92
CA GLY A 78 -16.39 -12.57 24.56
C GLY A 78 -14.90 -12.65 24.87
N VAL A 79 -14.34 -11.54 25.31
CA VAL A 79 -12.90 -11.46 25.60
C VAL A 79 -12.48 -12.54 26.60
N LYS A 80 -13.27 -12.74 27.65
CA LYS A 80 -12.92 -13.73 28.67
C LYS A 80 -12.76 -15.14 28.11
N LEU A 81 -13.78 -15.64 27.40
CA LEU A 81 -13.71 -17.01 26.88
C LEU A 81 -12.68 -17.11 25.76
N PHE A 82 -12.36 -15.99 25.13
CA PHE A 82 -11.33 -15.97 24.10
C PHE A 82 -9.94 -16.13 24.73
N GLN A 83 -9.75 -15.50 25.89
CA GLN A 83 -8.47 -15.60 26.58
C GLN A 83 -8.31 -17.02 27.09
N GLU A 84 -9.42 -17.65 27.47
CA GLU A 84 -9.38 -19.03 27.92
C GLU A 84 -8.99 -19.96 26.79
N MET A 85 -9.47 -19.66 25.60
CA MET A 85 -9.11 -20.44 24.43
C MET A 85 -7.62 -20.36 24.19
N CYS A 86 -7.10 -19.13 24.22
CA CYS A 86 -5.70 -18.90 23.95
C CYS A 86 -4.87 -19.61 24.99
N ASP A 87 -5.26 -19.50 26.25
CA ASP A 87 -4.51 -20.09 27.34
C ASP A 87 -4.50 -21.61 27.21
N LYS A 88 -5.60 -22.17 26.73
CA LYS A 88 -5.72 -23.61 26.58
C LYS A 88 -4.67 -24.17 25.60
N VAL A 89 -4.49 -23.48 24.48
CA VAL A 89 -3.55 -23.92 23.45
C VAL A 89 -2.20 -23.21 23.58
N GLN A 90 -2.07 -22.44 24.66
CA GLN A 90 -0.84 -21.73 25.03
C GLN A 90 -0.37 -20.73 23.97
N ILE A 91 -1.24 -19.81 23.61
CA ILE A 91 -0.87 -18.73 22.72
C ILE A 91 0.10 -17.82 23.43
N SER A 92 1.09 -17.34 22.69
CA SER A 92 2.17 -16.52 23.22
C SER A 92 2.15 -15.15 22.55
N ASP A 93 2.95 -14.24 23.06
CA ASP A 93 3.11 -12.93 22.43
C ASP A 93 3.77 -13.10 21.08
N SER A 94 4.71 -14.04 21.00
CA SER A 94 5.39 -14.36 19.75
C SER A 94 4.43 -14.82 18.68
N HIS A 95 3.33 -15.45 19.09
CA HIS A 95 2.29 -15.86 18.15
C HIS A 95 1.71 -14.65 17.46
N LEU A 96 1.63 -13.54 18.21
CA LEU A 96 0.86 -12.39 17.77
C LEU A 96 1.72 -11.27 17.22
N LYS A 97 2.83 -11.64 16.58
CA LYS A 97 3.72 -10.66 15.97
C LYS A 97 2.97 -9.83 14.93
N ASN A 98 2.03 -10.48 14.23
CA ASN A 98 1.25 -9.85 13.17
C ASN A 98 -0.25 -9.89 13.45
N ILE A 99 -0.61 -10.20 14.69
CA ILE A 99 -2.01 -10.27 15.08
C ILE A 99 -2.33 -9.25 16.16
N SER A 100 -3.48 -8.62 16.06
CA SER A 100 -3.93 -7.67 17.06
C SER A 100 -5.37 -7.95 17.48
N ILE A 101 -5.54 -8.27 18.76
CA ILE A 101 -6.88 -8.46 19.32
C ILE A 101 -7.24 -7.29 20.21
N ARG A 102 -8.26 -6.55 19.82
CA ARG A 102 -8.74 -5.41 20.59
C ARG A 102 -10.16 -5.67 21.06
N SER A 103 -10.49 -5.14 22.23
CA SER A 103 -11.83 -5.21 22.77
C SER A 103 -12.63 -4.03 22.25
N VAL A 104 -13.90 -4.26 21.99
CA VAL A 104 -14.80 -3.19 21.57
C VAL A 104 -16.16 -3.41 22.26
N GLU A 105 -16.89 -2.33 22.54
CA GLU A 105 -18.16 -2.44 23.26
C GLU A 105 -19.23 -1.46 22.78
N GLY A 106 -20.49 -1.86 22.94
CA GLY A 106 -21.63 -1.01 22.60
C GLY A 106 -21.89 0.03 23.67
N GLU A 107 -23.05 0.69 23.59
CA GLU A 107 -23.34 1.81 24.48
C GLU A 107 -23.65 1.38 25.92
N ILE A 108 -23.32 2.25 26.87
CA ILE A 108 -23.49 1.96 28.30
C ILE A 108 -24.93 2.15 28.75
N TYR A 109 -25.40 1.19 29.55
CA TYR A 109 -26.77 1.23 30.03
C TYR A 109 -26.86 0.64 31.43
N CYS A 110 -28.00 0.84 32.09
CA CYS A 110 -28.17 0.37 33.46
C CYS A 110 -28.90 -0.96 33.48
N ALA A 111 -28.27 -1.96 34.08
CA ALA A 111 -28.95 -3.22 34.34
C ALA A 111 -30.03 -3.02 35.39
N LYS A 112 -30.73 -4.09 35.72
CA LYS A 112 -31.77 -4.02 36.73
C LYS A 112 -31.15 -3.93 38.11
N SER A 113 -29.91 -4.38 38.24
CA SER A 113 -29.21 -4.33 39.51
C SER A 113 -28.63 -2.94 39.77
N GLY A 114 -28.82 -2.03 38.81
CA GLY A 114 -28.22 -0.71 38.87
C GLY A 114 -26.80 -0.70 38.33
N ARG A 115 -26.24 -1.87 38.07
CA ARG A 115 -24.89 -1.97 37.53
C ARG A 115 -24.89 -1.52 36.09
N LYS A 116 -23.83 -0.84 35.68
CA LYS A 116 -23.71 -0.35 34.32
C LYS A 116 -23.05 -1.40 33.44
N PHE A 117 -23.72 -1.74 32.35
CA PHE A 117 -23.22 -2.76 31.43
C PHE A 117 -23.07 -2.18 30.03
N ALA A 118 -22.32 -2.90 29.19
CA ALA A 118 -22.12 -2.49 27.80
C ALA A 118 -23.02 -3.30 26.88
N GLY A 119 -23.72 -2.63 25.99
CA GLY A 119 -24.54 -3.29 24.98
C GLY A 119 -23.69 -4.17 24.09
N GLN A 120 -24.26 -5.27 23.63
CA GLN A 120 -23.50 -6.22 22.82
C GLN A 120 -23.35 -5.77 21.37
N ILE A 121 -22.15 -5.94 20.85
CA ILE A 121 -21.89 -5.82 19.44
C ILE A 121 -22.31 -7.12 18.78
N ARG A 122 -23.41 -7.07 18.03
CA ARG A 122 -23.94 -8.27 17.39
C ARG A 122 -23.53 -8.34 15.93
N GLU A 123 -23.09 -7.20 15.37
CA GLU A 123 -22.50 -7.19 14.04
C GLU A 123 -21.41 -8.25 13.97
N LYS A 124 -21.29 -8.88 12.81
CA LYS A 124 -20.19 -9.79 12.56
C LYS A 124 -19.84 -9.69 11.09
N PHE A 125 -18.58 -9.38 10.80
CA PHE A 125 -18.12 -9.43 9.42
C PHE A 125 -16.61 -9.65 9.32
N ILE A 126 -16.18 -10.06 8.14
CA ILE A 126 -14.77 -10.28 7.82
C ILE A 126 -14.41 -9.53 6.55
N ILE A 127 -13.37 -8.71 6.61
CA ILE A 127 -12.84 -8.04 5.41
C ILE A 127 -11.46 -8.58 5.04
N SER A 128 -11.37 -9.18 3.85
CA SER A 128 -10.12 -9.76 3.37
C SER A 128 -9.48 -8.92 2.27
N ASP A 129 -8.21 -8.54 2.48
CA ASP A 129 -7.42 -7.80 1.49
C ASP A 129 -8.12 -6.54 0.99
N TRP A 130 -9.01 -5.99 1.81
CA TRP A 130 -9.81 -4.83 1.42
C TRP A 130 -10.46 -5.02 0.05
N ARG A 131 -10.72 -6.28 -0.30
CA ARG A 131 -11.30 -6.61 -1.60
C ARG A 131 -12.77 -6.95 -1.46
N PHE A 132 -13.06 -7.90 -0.58
CA PHE A 132 -14.43 -8.36 -0.37
C PHE A 132 -14.72 -8.56 1.11
N VAL A 133 -16.00 -8.56 1.45
CA VAL A 133 -16.43 -8.68 2.83
C VAL A 133 -17.36 -9.88 2.99
N LEU A 134 -17.17 -10.61 4.09
CA LEU A 134 -18.15 -11.62 4.49
C LEU A 134 -18.93 -11.12 5.71
N SER A 135 -20.23 -11.38 5.74
CA SER A 135 -21.07 -10.92 6.83
C SER A 135 -22.31 -11.78 6.95
N GLY A 136 -22.65 -12.14 8.17
CA GLY A 136 -23.80 -13.00 8.41
C GLY A 136 -23.94 -13.32 9.89
N SER A 137 -24.56 -14.46 10.19
CA SER A 137 -24.86 -14.81 11.56
C SER A 137 -23.84 -15.74 12.19
N TYR A 138 -22.80 -16.08 11.43
CA TYR A 138 -21.82 -17.09 11.87
C TYR A 138 -20.83 -16.53 12.88
N SER A 139 -20.79 -17.13 14.07
CA SER A 139 -19.86 -16.74 15.11
C SER A 139 -18.73 -17.75 15.17
N PHE A 140 -17.54 -17.30 15.55
CA PHE A 140 -16.38 -18.19 15.63
C PHE A 140 -16.48 -19.09 16.86
N THR A 141 -17.53 -19.89 16.92
CA THR A 141 -17.70 -20.88 17.97
C THR A 141 -17.86 -22.24 17.31
N TRP A 142 -17.57 -23.29 18.08
CA TRP A 142 -17.72 -24.64 17.57
C TRP A 142 -19.16 -24.95 17.16
N LEU A 143 -20.13 -24.49 17.96
CA LEU A 143 -21.54 -24.74 17.69
C LEU A 143 -21.99 -24.14 16.35
N CYS A 144 -21.65 -22.88 16.12
CA CYS A 144 -22.01 -22.24 14.86
C CYS A 144 -21.48 -23.01 13.65
N GLY A 145 -20.33 -23.64 13.80
CA GLY A 145 -19.70 -24.34 12.71
C GLY A 145 -20.01 -25.82 12.61
N HIS A 146 -21.01 -26.28 13.37
CA HIS A 146 -21.36 -27.70 13.37
C HIS A 146 -22.85 -27.99 13.53
N VAL A 147 -23.55 -27.25 14.40
CA VAL A 147 -24.96 -27.56 14.70
C VAL A 147 -25.95 -26.46 14.33
N HIS A 148 -25.53 -25.20 14.39
CA HIS A 148 -26.44 -24.09 14.09
C HIS A 148 -26.58 -23.85 12.57
N ARG A 149 -27.76 -23.39 12.17
CA ARG A 149 -28.01 -23.02 10.78
C ARG A 149 -27.84 -21.51 10.64
N ASN A 150 -26.82 -21.11 9.88
CA ASN A 150 -26.52 -19.70 9.71
C ASN A 150 -26.80 -19.20 8.32
N ILE A 151 -26.81 -17.88 8.18
CA ILE A 151 -26.84 -17.24 6.88
C ILE A 151 -25.52 -16.49 6.71
N LEU A 152 -25.07 -16.35 5.47
CA LEU A 152 -23.84 -15.62 5.17
C LEU A 152 -23.98 -14.79 3.91
N SER A 153 -23.40 -13.59 3.93
CA SER A 153 -23.48 -12.66 2.80
C SER A 153 -22.08 -12.24 2.38
N LYS A 154 -21.86 -12.15 1.09
CA LYS A 154 -20.58 -11.66 0.55
C LYS A 154 -20.81 -10.32 -0.13
N PHE A 155 -19.86 -9.40 0.02
CA PHE A 155 -19.99 -8.05 -0.53
C PHE A 155 -18.71 -7.62 -1.21
N THR A 156 -18.84 -7.08 -2.41
CA THR A 156 -17.71 -6.52 -3.14
C THR A 156 -18.05 -5.11 -3.60
N GLY A 157 -17.05 -4.37 -4.07
CA GLY A 157 -17.28 -3.04 -4.60
C GLY A 157 -17.56 -2.00 -3.52
N GLN A 158 -18.52 -1.12 -3.80
CA GLN A 158 -18.79 0.03 -2.96
C GLN A 158 -19.27 -0.36 -1.56
N ALA A 159 -19.79 -1.57 -1.42
CA ALA A 159 -20.29 -2.02 -0.13
C ALA A 159 -19.15 -2.15 0.87
N VAL A 160 -17.97 -2.53 0.37
CA VAL A 160 -16.80 -2.77 1.21
C VAL A 160 -16.38 -1.52 1.98
N GLU A 161 -16.67 -0.35 1.42
CA GLU A 161 -16.29 0.91 2.05
C GLU A 161 -17.11 1.16 3.32
N LEU A 162 -18.42 0.96 3.24
CA LEU A 162 -19.28 1.19 4.40
C LEU A 162 -18.94 0.24 5.54
N PHE A 163 -18.35 -0.90 5.19
CA PHE A 163 -17.86 -1.83 6.19
C PHE A 163 -16.54 -1.34 6.77
N ASP A 164 -15.76 -0.67 5.92
CA ASP A 164 -14.45 -0.16 6.33
C ASP A 164 -14.63 0.96 7.34
N GLU A 165 -15.56 1.87 7.05
CA GLU A 165 -15.82 2.98 7.94
C GLU A 165 -16.41 2.46 9.25
N GLU A 166 -17.14 1.36 9.18
CA GLU A 166 -17.69 0.73 10.38
C GLU A 166 -16.56 0.20 11.24
N PHE A 167 -15.62 -0.48 10.59
CA PHE A 167 -14.47 -1.01 11.29
C PHE A 167 -13.64 0.11 11.95
N ARG A 168 -13.40 1.18 11.20
CA ARG A 168 -12.62 2.30 11.73
C ARG A 168 -13.34 2.92 12.91
N HIS A 169 -14.63 3.17 12.73
CA HIS A 169 -15.45 3.73 13.79
C HIS A 169 -15.29 2.91 15.05
N LEU A 170 -15.58 1.62 14.95
CA LEU A 170 -15.49 0.73 16.10
C LEU A 170 -14.06 0.64 16.62
N TYR A 171 -13.08 0.73 15.73
CA TYR A 171 -11.68 0.59 16.14
C TYR A 171 -11.27 1.72 17.07
N ALA A 172 -11.68 2.94 16.73
CA ALA A 172 -11.33 4.10 17.51
C ALA A 172 -11.80 3.98 18.95
N SER A 173 -12.93 3.31 19.16
CA SER A 173 -13.49 3.15 20.50
C SER A 173 -12.99 1.87 21.18
N SER A 174 -12.07 1.17 20.51
CA SER A 174 -11.62 -0.13 21.00
C SER A 174 -10.42 -0.04 21.96
N LYS A 175 -10.40 -0.94 22.94
CA LYS A 175 -9.31 -1.07 23.89
C LYS A 175 -8.43 -2.24 23.45
N PRO A 176 -7.11 -2.13 23.63
CA PRO A 176 -6.22 -3.25 23.30
C PRO A 176 -6.36 -4.40 24.27
N VAL A 177 -6.18 -5.63 23.79
CA VAL A 177 -6.27 -6.83 24.64
C VAL A 177 -4.99 -7.64 24.59
N MET A 178 -4.52 -7.94 23.39
CA MET A 178 -3.27 -8.68 23.23
C MET A 178 -2.76 -8.52 21.82
N GLY A 179 -1.49 -8.87 21.62
CA GLY A 179 -0.86 -8.81 20.33
C GLY A 179 -0.36 -7.42 19.94
N LEU A 180 -0.20 -7.20 18.64
CA LEU A 180 0.26 -5.93 18.12
C LEU A 180 -0.53 -4.77 18.69
N LYS A 181 0.16 -3.89 19.41
CA LYS A 181 -0.47 -2.70 19.96
C LYS A 181 -0.22 -1.52 19.04
N SER A 182 -0.12 -1.78 17.73
CA SER A 182 0.14 -0.72 16.76
C SER A 182 -0.09 -1.17 15.31
N PRO A 183 -1.36 -1.36 14.94
CA PRO A 183 -1.72 -1.61 13.54
C PRO A 183 -1.23 -0.52 12.61
N PRO B 8 -4.50 21.15 4.64
CA PRO B 8 -4.08 22.55 4.48
C PRO B 8 -2.56 22.67 4.38
N TYR B 9 -1.85 21.95 5.26
CA TYR B 9 -0.40 21.90 5.22
C TYR B 9 0.07 21.20 3.95
N LEU B 10 -0.79 20.33 3.43
CA LEU B 10 -0.50 19.49 2.28
C LEU B 10 -0.33 20.32 1.00
N LYS B 11 -0.78 21.58 1.06
CA LYS B 11 -0.71 22.49 -0.08
C LYS B 11 0.48 23.45 0.05
N GLU B 12 0.99 23.59 1.28
CA GLU B 12 2.03 24.57 1.58
C GLU B 12 3.44 23.97 1.55
N LYS B 13 4.42 24.83 1.28
CA LYS B 13 5.82 24.43 1.27
C LYS B 13 6.34 24.32 2.70
N SER B 14 7.32 23.44 2.91
CA SER B 14 7.81 23.15 4.26
C SER B 14 8.58 24.30 4.90
N SER B 15 8.32 24.54 6.18
CA SER B 15 8.94 25.65 6.91
C SER B 15 9.15 25.37 8.40
N ALA B 16 10.09 26.07 9.01
CA ALA B 16 10.47 25.82 10.40
C ALA B 16 10.93 27.09 11.10
N THR B 17 10.45 27.25 12.33
CA THR B 17 10.76 28.43 13.12
C THR B 17 10.99 27.99 14.56
N VAL B 18 11.99 28.58 15.20
CA VAL B 18 12.32 28.24 16.58
C VAL B 18 12.11 29.46 17.48
N TYR B 19 11.56 29.21 18.67
CA TYR B 19 11.30 30.26 19.65
C TYR B 19 12.06 29.97 20.94
N PHE B 20 12.70 30.99 21.49
CA PHE B 20 13.42 30.84 22.76
C PHE B 20 12.72 31.68 23.81
N GLN B 21 12.93 31.32 25.08
CA GLN B 21 12.33 32.06 26.18
C GLN B 21 12.85 33.49 26.26
N THR B 22 11.96 34.45 26.50
CA THR B 22 12.36 35.85 26.62
C THR B 22 12.52 36.29 28.07
N ASN B 26 6.41 35.61 29.64
CA ASN B 26 6.53 34.21 29.20
C ASN B 26 5.91 34.02 27.81
N ASN B 27 6.71 34.30 26.78
CA ASN B 27 6.27 34.26 25.38
C ASN B 27 5.97 32.85 24.89
N ILE B 28 6.64 31.86 25.48
CA ILE B 28 6.47 30.49 25.06
C ILE B 28 5.08 30.03 25.42
N ARG B 29 4.68 30.27 26.66
CA ARG B 29 3.36 29.87 27.12
C ARG B 29 2.29 30.56 26.27
N ASP B 30 2.50 31.82 25.96
CA ASP B 30 1.56 32.57 25.17
C ASP B 30 1.33 31.89 23.83
N LEU B 31 2.43 31.49 23.19
CA LEU B 31 2.33 30.81 21.91
C LEU B 31 1.47 29.56 22.04
N VAL B 32 1.72 28.78 23.10
CA VAL B 32 0.97 27.56 23.34
C VAL B 32 -0.51 27.85 23.48
N ARG B 33 -0.83 28.80 24.36
CA ARG B 33 -2.23 29.16 24.60
C ARG B 33 -2.84 29.80 23.36
N ARG B 34 -2.07 30.68 22.72
CA ARG B 34 -2.54 31.37 21.52
C ARG B 34 -2.88 30.34 20.44
N CYS B 35 -2.09 29.27 20.39
CA CYS B 35 -2.31 28.20 19.43
C CYS B 35 -3.63 27.49 19.67
N ILE B 36 -3.94 27.28 20.94
CA ILE B 36 -5.17 26.60 21.33
C ILE B 36 -6.39 27.52 21.18
N THR B 37 -6.25 28.79 21.57
CA THR B 37 -7.38 29.70 21.54
C THR B 37 -7.73 30.17 20.13
N ARG B 38 -6.87 29.85 19.16
CA ARG B 38 -7.08 30.27 17.77
C ARG B 38 -7.32 29.08 16.86
N THR B 39 -7.47 27.89 17.43
CA THR B 39 -7.84 26.72 16.65
C THR B 39 -9.32 26.80 16.26
N SER B 40 -9.64 26.43 15.02
CA SER B 40 -10.98 26.64 14.48
C SER B 40 -11.80 25.36 14.43
N GLN B 41 -11.16 24.26 14.06
CA GLN B 41 -11.90 23.04 13.77
C GLN B 41 -11.32 21.78 14.42
N VAL B 42 -10.00 21.63 14.40
CA VAL B 42 -9.37 20.41 14.89
C VAL B 42 -8.07 20.70 15.63
N LEU B 43 -7.86 20.00 16.75
CA LEU B 43 -6.70 20.20 17.60
C LEU B 43 -6.16 18.87 18.12
N VAL B 44 -5.02 18.47 17.57
CA VAL B 44 -4.36 17.21 17.96
C VAL B 44 -3.17 17.50 18.86
N ILE B 45 -3.10 16.81 19.99
CA ILE B 45 -2.10 17.09 21.00
C ILE B 45 -1.50 15.81 21.56
N LEU B 46 -0.17 15.80 21.62
CA LEU B 46 0.57 14.74 22.27
C LEU B 46 1.25 15.35 23.50
N MET B 47 1.01 14.74 24.66
CA MET B 47 1.47 15.32 25.92
C MET B 47 1.93 14.25 26.89
N ASP B 48 2.88 14.63 27.75
CA ASP B 48 3.44 13.70 28.73
C ASP B 48 2.86 13.95 30.11
N VAL B 49 2.71 15.22 30.47
CA VAL B 49 2.17 15.61 31.78
C VAL B 49 1.17 16.75 31.65
N PHE B 50 -0.04 16.53 32.15
CA PHE B 50 -1.11 17.50 31.99
C PHE B 50 -1.79 17.77 33.33
N THR B 51 -1.35 18.82 34.01
CA THR B 51 -1.88 19.18 35.32
C THR B 51 -2.29 20.65 35.41
N ASP B 52 -2.01 21.42 34.37
CA ASP B 52 -2.33 22.85 34.37
C ASP B 52 -3.78 23.07 33.97
N VAL B 53 -4.58 23.52 34.95
CA VAL B 53 -6.01 23.72 34.73
C VAL B 53 -6.26 24.77 33.67
N GLU B 54 -5.39 25.77 33.61
CA GLU B 54 -5.59 26.89 32.70
C GLU B 54 -5.54 26.43 31.25
N ILE B 55 -4.66 25.48 30.96
CA ILE B 55 -4.52 24.96 29.59
C ILE B 55 -5.71 24.10 29.25
N PHE B 56 -6.13 23.27 30.21
CA PHE B 56 -7.31 22.46 29.99
C PHE B 56 -8.56 23.33 29.82
N CYS B 57 -8.58 24.49 30.47
CA CYS B 57 -9.68 25.43 30.34
C CYS B 57 -9.71 26.06 28.96
N ASP B 58 -8.52 26.30 28.41
CA ASP B 58 -8.40 26.78 27.04
C ASP B 58 -8.94 25.73 26.09
N ILE B 59 -8.74 24.46 26.44
CA ILE B 59 -9.21 23.36 25.61
C ILE B 59 -10.73 23.24 25.68
N LEU B 60 -11.29 23.45 26.86
CA LEU B 60 -12.73 23.38 27.04
C LEU B 60 -13.39 24.46 26.21
N GLU B 61 -12.79 25.64 26.23
CA GLU B 61 -13.31 26.77 25.47
C GLU B 61 -13.36 26.40 23.99
N ALA B 62 -12.21 26.01 23.45
CA ALA B 62 -12.10 25.65 22.02
C ALA B 62 -13.10 24.55 21.67
N ALA B 63 -13.18 23.55 22.53
CA ALA B 63 -14.02 22.38 22.32
C ALA B 63 -15.52 22.71 22.33
N ASN B 64 -15.96 23.41 23.38
CA ASN B 64 -17.39 23.60 23.66
C ASN B 64 -17.96 24.95 23.21
N LYS B 65 -17.13 25.99 23.21
CA LYS B 65 -17.57 27.32 22.80
C LYS B 65 -17.29 27.54 21.30
N ARG B 66 -16.37 26.76 20.76
CA ARG B 66 -16.11 26.69 19.32
C ARG B 66 -16.33 25.26 18.85
N GLY B 67 -16.37 25.03 17.55
CA GLY B 67 -16.68 23.70 17.05
C GLY B 67 -15.52 22.71 17.06
N VAL B 68 -14.47 23.04 17.84
CA VAL B 68 -13.21 22.32 17.77
C VAL B 68 -13.31 20.92 18.37
N PHE B 69 -12.88 19.93 17.59
CA PHE B 69 -12.72 18.59 18.11
C PHE B 69 -11.28 18.44 18.60
N VAL B 70 -11.15 18.03 19.87
CA VAL B 70 -9.85 17.94 20.51
C VAL B 70 -9.55 16.49 20.86
N CYS B 71 -8.41 16.02 20.40
CA CYS B 71 -7.92 14.71 20.77
C CYS B 71 -6.57 14.86 21.45
N VAL B 72 -6.44 14.25 22.61
CA VAL B 72 -5.23 14.38 23.39
C VAL B 72 -4.68 13.00 23.68
N LEU B 73 -3.47 12.76 23.20
CA LEU B 73 -2.74 11.56 23.54
C LEU B 73 -1.85 11.89 24.70
N LEU B 74 -2.16 11.34 25.86
CA LEU B 74 -1.42 11.60 27.09
C LEU B 74 -0.61 10.38 27.47
N ASP B 75 0.62 10.60 27.90
CA ASP B 75 1.49 9.51 28.35
C ASP B 75 0.88 8.82 29.56
N GLN B 76 0.78 7.49 29.48
CA GLN B 76 0.15 6.69 30.53
C GLN B 76 0.59 7.10 31.94
N GLY B 77 1.84 7.53 32.07
CA GLY B 77 2.39 7.84 33.38
C GLY B 77 1.84 9.13 33.98
N GLY B 78 0.98 9.81 33.23
CA GLY B 78 0.45 11.09 33.64
C GLY B 78 -1.06 11.14 33.65
N VAL B 79 -1.70 10.01 33.33
CA VAL B 79 -3.16 9.96 33.33
C VAL B 79 -3.70 10.19 34.73
N LYS B 80 -2.98 9.68 35.72
CA LYS B 80 -3.39 9.79 37.13
C LYS B 80 -3.56 11.23 37.59
N LEU B 81 -2.51 12.03 37.44
CA LEU B 81 -2.56 13.41 37.92
C LEU B 81 -3.48 14.25 37.03
N PHE B 82 -3.63 13.86 35.77
CA PHE B 82 -4.59 14.50 34.88
C PHE B 82 -6.02 14.26 35.38
N GLN B 83 -6.27 13.05 35.87
CA GLN B 83 -7.58 12.68 36.39
C GLN B 83 -7.90 13.45 37.67
N GLU B 84 -6.91 13.57 38.57
CA GLU B 84 -7.08 14.35 39.80
C GLU B 84 -7.40 15.80 39.47
N MET B 85 -6.72 16.34 38.47
CA MET B 85 -7.01 17.70 38.02
C MET B 85 -8.47 17.83 37.61
N CYS B 86 -8.93 16.93 36.75
CA CYS B 86 -10.31 16.97 36.29
C CYS B 86 -11.29 16.89 37.45
N ASP B 87 -11.02 16.00 38.38
CA ASP B 87 -11.91 15.80 39.50
C ASP B 87 -11.91 17.02 40.41
N LYS B 88 -10.75 17.64 40.56
CA LYS B 88 -10.60 18.81 41.41
C LYS B 88 -11.58 19.89 40.98
N VAL B 89 -11.63 20.15 39.68
CA VAL B 89 -12.51 21.19 39.13
C VAL B 89 -13.83 20.62 38.63
N GLN B 90 -14.09 19.36 39.00
CA GLN B 90 -15.36 18.67 38.69
C GLN B 90 -15.70 18.66 37.21
N ILE B 91 -14.80 18.10 36.41
CA ILE B 91 -15.07 17.84 35.01
C ILE B 91 -16.02 16.64 34.91
N SER B 92 -17.00 16.75 34.03
CA SER B 92 -17.98 15.69 33.83
C SER B 92 -17.93 15.20 32.39
N ASP B 93 -18.70 14.15 32.10
CA ASP B 93 -18.80 13.62 30.75
C ASP B 93 -19.41 14.64 29.81
N SER B 94 -20.18 15.56 30.37
CA SER B 94 -20.85 16.57 29.56
C SER B 94 -19.85 17.58 29.03
N HIS B 95 -18.73 17.73 29.74
CA HIS B 95 -17.68 18.65 29.33
C HIS B 95 -17.02 18.16 28.04
N LEU B 96 -17.01 16.84 27.86
CA LEU B 96 -16.15 16.21 26.85
C LEU B 96 -16.91 15.69 25.64
N LYS B 97 -17.97 16.39 25.24
CA LYS B 97 -18.77 15.96 24.10
C LYS B 97 -17.91 15.98 22.83
N ASN B 98 -16.97 16.93 22.77
CA ASN B 98 -16.09 17.09 21.61
C ASN B 98 -14.61 16.98 21.97
N ILE B 99 -14.33 16.36 23.11
CA ILE B 99 -12.96 16.15 23.58
C ILE B 99 -12.72 14.67 23.82
N SER B 100 -11.55 14.18 23.39
CA SER B 100 -11.18 12.78 23.51
C SER B 100 -9.80 12.62 24.13
N ILE B 101 -9.74 12.18 25.38
CA ILE B 101 -8.48 11.96 26.08
C ILE B 101 -8.13 10.48 26.05
N ARG B 102 -7.04 10.13 25.38
CA ARG B 102 -6.63 8.74 25.23
C ARG B 102 -5.25 8.52 25.84
N SER B 103 -5.00 7.30 26.30
CA SER B 103 -3.73 6.94 26.92
C SER B 103 -2.82 6.24 25.92
N VAL B 104 -1.56 6.66 25.88
CA VAL B 104 -0.56 6.05 25.03
C VAL B 104 0.70 5.82 25.84
N GLU B 105 1.39 4.72 25.56
CA GLU B 105 2.56 4.33 26.33
C GLU B 105 3.67 3.79 25.44
N GLY B 106 4.92 4.00 25.86
CA GLY B 106 6.07 3.57 25.10
C GLY B 106 6.24 2.06 25.14
N GLU B 107 7.37 1.58 24.63
CA GLU B 107 7.65 0.15 24.60
C GLU B 107 7.82 -0.38 26.02
N ILE B 108 7.62 -1.69 26.20
CA ILE B 108 7.67 -2.30 27.52
C ILE B 108 9.08 -2.73 27.86
N TYR B 109 9.50 -2.48 29.10
CA TYR B 109 10.83 -2.81 29.56
C TYR B 109 10.78 -3.23 31.02
N CYS B 110 11.86 -3.84 31.50
CA CYS B 110 11.92 -4.34 32.87
C CYS B 110 12.65 -3.37 33.80
N ALA B 111 11.96 -2.94 34.85
CA ALA B 111 12.60 -2.14 35.87
C ALA B 111 13.56 -3.03 36.65
N LYS B 112 14.37 -2.43 37.50
CA LYS B 112 15.32 -3.18 38.30
C LYS B 112 14.58 -4.09 39.27
N SER B 113 13.39 -3.68 39.68
CA SER B 113 12.59 -4.49 40.59
C SER B 113 12.00 -5.72 39.90
N GLY B 114 12.26 -5.85 38.60
CA GLY B 114 11.70 -6.95 37.84
C GLY B 114 10.35 -6.60 37.26
N ARG B 115 9.73 -5.55 37.78
CA ARG B 115 8.42 -5.12 37.32
C ARG B 115 8.50 -4.54 35.91
N LYS B 116 7.50 -4.84 35.10
CA LYS B 116 7.44 -4.31 33.74
C LYS B 116 6.81 -2.92 33.75
N PHE B 117 7.44 -2.00 33.04
CA PHE B 117 6.96 -0.64 32.94
C PHE B 117 6.95 -0.21 31.48
N ALA B 118 6.16 0.81 31.17
CA ALA B 118 6.15 1.37 29.82
C ALA B 118 7.08 2.59 29.75
N GLY B 119 7.89 2.66 28.69
CA GLY B 119 8.74 3.80 28.47
C GLY B 119 7.90 5.06 28.33
N GLN B 120 8.47 6.19 28.73
CA GLN B 120 7.77 7.46 28.64
C GLN B 120 7.83 8.05 27.23
N ILE B 121 6.70 8.56 26.75
CA ILE B 121 6.67 9.37 25.55
C ILE B 121 7.01 10.81 25.94
N ARG B 122 8.26 11.19 25.71
CA ARG B 122 8.75 12.53 26.00
C ARG B 122 8.43 13.48 24.84
N GLU B 123 7.93 12.94 23.73
CA GLU B 123 7.47 13.74 22.60
C GLU B 123 6.32 14.65 23.02
N LYS B 124 6.42 15.92 22.66
CA LYS B 124 5.37 16.88 22.96
C LYS B 124 5.15 17.74 21.72
N PHE B 125 3.95 17.69 21.15
CA PHE B 125 3.63 18.59 20.06
C PHE B 125 2.14 18.82 19.97
N ILE B 126 1.77 19.84 19.21
CA ILE B 126 0.39 20.22 18.99
C ILE B 126 0.19 20.45 17.50
N ILE B 127 -0.83 19.84 16.93
CA ILE B 127 -1.18 20.09 15.54
C ILE B 127 -2.53 20.80 15.50
N SER B 128 -2.53 22.02 14.96
CA SER B 128 -3.73 22.85 14.92
C SER B 128 -4.28 22.96 13.51
N ASP B 129 -5.49 22.45 13.31
CA ASP B 129 -6.20 22.59 12.04
C ASP B 129 -5.43 22.00 10.84
N TRP B 130 -4.58 21.01 11.11
CA TRP B 130 -3.71 20.44 10.08
C TRP B 130 -3.04 21.54 9.25
N ARG B 131 -2.66 22.62 9.92
CA ARG B 131 -2.05 23.78 9.25
C ARG B 131 -0.62 23.97 9.76
N PHE B 132 -0.47 23.97 11.08
CA PHE B 132 0.86 24.15 11.68
C PHE B 132 1.05 23.32 12.94
N VAL B 133 2.30 22.97 13.21
CA VAL B 133 2.67 22.18 14.39
C VAL B 133 3.51 23.01 15.36
N LEU B 134 3.23 22.89 16.64
CA LEU B 134 4.10 23.44 17.68
C LEU B 134 4.70 22.26 18.41
N SER B 135 6.01 22.27 18.55
CA SER B 135 6.71 21.22 19.26
C SER B 135 7.77 21.86 20.13
N GLY B 136 8.14 21.20 21.23
CA GLY B 136 9.13 21.75 22.13
C GLY B 136 9.19 21.06 23.48
N SER B 137 9.74 21.76 24.47
CA SER B 137 9.92 21.19 25.81
C SER B 137 8.78 21.54 26.75
N TYR B 138 7.85 22.37 26.29
CA TYR B 138 6.78 22.87 27.13
C TYR B 138 5.72 21.81 27.44
N SER B 139 5.62 21.44 28.70
CA SER B 139 4.60 20.52 29.17
C SER B 139 3.44 21.29 29.78
N PHE B 140 2.27 20.68 29.82
CA PHE B 140 1.09 21.30 30.38
C PHE B 140 1.07 21.24 31.90
N THR B 141 2.03 21.90 32.53
CA THR B 141 2.10 21.99 33.98
C THR B 141 2.32 23.42 34.39
N TRP B 142 1.92 23.73 35.61
CA TRP B 142 2.08 25.08 36.14
C TRP B 142 3.56 25.50 36.09
N LEU B 143 4.44 24.62 36.58
CA LEU B 143 5.87 24.91 36.61
C LEU B 143 6.39 25.35 35.24
N CYS B 144 6.11 24.60 34.19
CA CYS B 144 6.56 24.96 32.86
C CYS B 144 6.09 26.34 32.47
N GLY B 145 4.89 26.68 32.88
CA GLY B 145 4.30 27.95 32.49
C GLY B 145 4.70 29.12 33.35
N HIS B 146 5.57 28.89 34.35
CA HIS B 146 5.89 29.95 35.30
C HIS B 146 7.36 30.03 35.73
N VAL B 147 8.05 28.89 35.84
CA VAL B 147 9.42 28.90 36.36
C VAL B 147 10.47 28.32 35.40
N HIS B 148 10.09 27.33 34.59
CA HIS B 148 11.05 26.66 33.72
C HIS B 148 11.34 27.44 32.44
N ARG B 149 12.53 27.23 31.87
CA ARG B 149 12.88 27.82 30.58
C ARG B 149 12.75 26.78 29.47
N ASN B 150 11.82 27.01 28.56
CA ASN B 150 11.54 26.07 27.49
C ASN B 150 11.90 26.57 26.10
N ILE B 151 11.97 25.62 25.17
CA ILE B 151 12.13 25.92 23.76
C ILE B 151 10.87 25.46 23.06
N LEU B 152 10.54 26.14 21.97
CA LEU B 152 9.35 25.84 21.20
C LEU B 152 9.62 26.08 19.73
N SER B 153 9.35 25.07 18.92
CA SER B 153 9.54 25.17 17.48
C SER B 153 8.18 25.04 16.80
N LYS B 154 8.01 25.78 15.71
CA LYS B 154 6.80 25.74 14.90
C LYS B 154 7.13 25.14 13.54
N PHE B 155 6.25 24.27 13.04
CA PHE B 155 6.40 23.72 11.71
C PHE B 155 5.15 23.94 10.88
N THR B 156 5.32 24.18 9.58
CA THR B 156 4.21 24.29 8.65
C THR B 156 4.54 23.53 7.35
N GLY B 157 3.55 23.38 6.48
CA GLY B 157 3.79 22.77 5.18
C GLY B 157 4.06 21.28 5.25
N GLN B 158 4.85 20.78 4.30
CA GLN B 158 5.04 19.35 4.11
C GLN B 158 5.57 18.67 5.38
N ALA B 159 6.29 19.43 6.20
CA ALA B 159 6.87 18.89 7.42
C ALA B 159 5.79 18.32 8.32
N VAL B 160 4.64 19.00 8.36
CA VAL B 160 3.53 18.63 9.23
C VAL B 160 3.12 17.18 9.02
N GLU B 161 3.29 16.68 7.79
CA GLU B 161 2.88 15.32 7.48
C GLU B 161 3.60 14.31 8.38
N LEU B 162 4.86 14.56 8.69
CA LEU B 162 5.61 13.62 9.50
C LEU B 162 5.07 13.59 10.94
N PHE B 163 4.52 14.72 11.39
CA PHE B 163 3.85 14.78 12.69
C PHE B 163 2.46 14.14 12.63
N ASP B 164 1.77 14.36 11.52
CA ASP B 164 0.47 13.75 11.31
C ASP B 164 0.61 12.24 11.38
N GLU B 165 1.59 11.71 10.64
CA GLU B 165 1.80 10.27 10.58
C GLU B 165 2.24 9.75 11.94
N GLU B 166 3.01 10.56 12.67
CA GLU B 166 3.47 10.18 14.00
C GLU B 166 2.29 10.09 14.96
N PHE B 167 1.36 11.00 14.81
CA PHE B 167 0.17 10.99 15.65
C PHE B 167 -0.63 9.73 15.36
N ARG B 168 -0.91 9.49 14.09
CA ARG B 168 -1.74 8.36 13.67
C ARG B 168 -1.13 7.04 14.13
N HIS B 169 0.20 6.95 14.08
CA HIS B 169 0.90 5.79 14.61
C HIS B 169 0.62 5.62 16.10
N LEU B 170 0.80 6.70 16.86
CA LEU B 170 0.55 6.68 18.29
C LEU B 170 -0.94 6.50 18.60
N TYR B 171 -1.79 7.11 17.77
CA TYR B 171 -3.22 7.04 17.97
C TYR B 171 -3.71 5.59 17.87
N ALA B 172 -3.19 4.86 16.88
CA ALA B 172 -3.60 3.48 16.69
C ALA B 172 -3.23 2.61 17.89
N SER B 173 -2.30 3.10 18.70
CA SER B 173 -1.83 2.35 19.86
C SER B 173 -2.58 2.73 21.13
N SER B 174 -3.28 3.86 21.09
CA SER B 174 -3.84 4.45 22.29
C SER B 174 -5.06 3.69 22.85
N LYS B 175 -5.23 3.81 24.17
CA LYS B 175 -6.42 3.32 24.88
C LYS B 175 -7.34 4.49 25.15
N PRO B 176 -8.66 4.26 25.08
CA PRO B 176 -9.57 5.33 25.52
C PRO B 176 -9.49 5.51 27.03
N VAL B 177 -9.51 6.76 27.49
CA VAL B 177 -9.42 7.07 28.91
C VAL B 177 -10.63 7.85 29.41
N MET B 178 -11.16 8.70 28.55
CA MET B 178 -12.12 9.70 28.98
C MET B 178 -12.63 10.49 27.78
N GLY B 179 -13.93 10.75 27.74
CA GLY B 179 -14.51 11.59 26.70
C GLY B 179 -14.99 10.84 25.47
N LEU B 180 -15.12 11.57 24.37
CA LEU B 180 -15.58 11.01 23.11
C LEU B 180 -14.66 9.91 22.58
N LYS B 181 -15.22 8.73 22.37
CA LYS B 181 -14.43 7.60 21.86
C LYS B 181 -14.55 7.49 20.34
N SER B 182 -13.99 8.47 19.64
CA SER B 182 -14.07 8.53 18.18
C SER B 182 -13.10 9.56 17.58
N PRO B 183 -12.95 9.57 16.26
CA PRO B 183 -12.14 10.61 15.61
C PRO B 183 -12.92 11.91 15.36
N GLU C 12 10.45 0.57 7.42
CA GLU C 12 9.09 0.07 7.23
C GLU C 12 9.12 -1.37 6.73
N LYS C 13 8.04 -2.12 6.98
CA LYS C 13 7.94 -3.51 6.55
C LYS C 13 7.89 -3.63 5.03
N SER C 14 8.61 -4.60 4.48
CA SER C 14 8.64 -4.80 3.03
C SER C 14 7.33 -5.40 2.51
N SER C 15 6.81 -4.80 1.44
CA SER C 15 5.58 -5.29 0.80
C SER C 15 5.65 -5.15 -0.72
N ALA C 16 4.82 -5.94 -1.39
CA ALA C 16 4.76 -5.96 -2.83
C ALA C 16 3.31 -6.06 -3.29
N THR C 17 2.90 -5.13 -4.15
CA THR C 17 1.54 -5.09 -4.63
C THR C 17 1.53 -4.86 -6.12
N VAL C 18 0.81 -5.70 -6.85
CA VAL C 18 0.66 -5.55 -8.30
C VAL C 18 -0.73 -5.04 -8.67
N TYR C 19 -0.76 -4.11 -9.61
CA TYR C 19 -1.99 -3.48 -10.06
C TYR C 19 -2.29 -3.76 -11.53
N PHE C 20 -3.52 -4.15 -11.83
CA PHE C 20 -3.92 -4.39 -13.20
C PHE C 20 -4.92 -3.32 -13.59
N GLN C 21 -5.00 -3.03 -14.88
CA GLN C 21 -5.86 -1.94 -15.34
C GLN C 21 -7.33 -2.34 -15.40
N THR C 22 -8.18 -1.50 -14.82
CA THR C 22 -9.62 -1.67 -14.86
C THR C 22 -10.19 -1.01 -16.12
N VAL C 23 -11.31 -1.53 -16.61
CA VAL C 23 -11.92 -1.00 -17.82
C VAL C 23 -12.49 0.39 -17.59
N ASN C 26 -9.14 4.82 -15.50
CA ASN C 26 -7.74 4.40 -15.65
C ASN C 26 -7.01 4.41 -14.30
N ASN C 27 -7.16 3.34 -13.53
CA ASN C 27 -6.54 3.24 -12.22
C ASN C 27 -5.02 3.30 -12.26
N ILE C 28 -4.44 2.84 -13.35
CA ILE C 28 -2.99 2.83 -13.51
C ILE C 28 -2.47 4.26 -13.53
N ARG C 29 -3.02 5.07 -14.44
CA ARG C 29 -2.63 6.47 -14.53
C ARG C 29 -2.84 7.16 -13.17
N ASP C 30 -4.00 6.94 -12.58
CA ASP C 30 -4.35 7.61 -11.34
C ASP C 30 -3.33 7.33 -10.23
N LEU C 31 -2.83 6.10 -10.18
CA LEU C 31 -1.83 5.77 -9.17
C LEU C 31 -0.53 6.51 -9.42
N VAL C 32 -0.15 6.64 -10.68
CA VAL C 32 1.08 7.33 -11.01
C VAL C 32 0.97 8.80 -10.65
N ARG C 33 -0.14 9.43 -11.04
CA ARG C 33 -0.39 10.82 -10.69
C ARG C 33 -0.52 11.01 -9.18
N ARG C 34 -1.12 10.02 -8.52
CA ARG C 34 -1.33 10.09 -7.07
C ARG C 34 -0.01 9.94 -6.35
N CYS C 35 0.86 9.10 -6.90
CA CYS C 35 2.18 8.90 -6.32
C CYS C 35 2.99 10.20 -6.31
N ILE C 36 2.83 11.00 -7.36
CA ILE C 36 3.57 12.24 -7.50
C ILE C 36 2.98 13.36 -6.65
N THR C 37 1.66 13.39 -6.54
CA THR C 37 0.99 14.51 -5.88
C THR C 37 0.97 14.41 -4.37
N ARG C 38 1.31 13.25 -3.82
CA ARG C 38 1.38 13.07 -2.37
C ARG C 38 2.83 13.00 -1.90
N THR C 39 3.77 13.17 -2.82
CA THR C 39 5.20 13.16 -2.50
C THR C 39 5.57 14.42 -1.75
N SER C 40 6.27 14.25 -0.64
CA SER C 40 6.48 15.31 0.32
C SER C 40 7.81 16.03 0.14
N GLN C 41 8.88 15.26 0.05
CA GLN C 41 10.23 15.80 0.07
C GLN C 41 10.98 15.62 -1.25
N VAL C 42 11.09 14.37 -1.71
CA VAL C 42 11.95 14.03 -2.84
C VAL C 42 11.31 13.01 -3.77
N LEU C 43 11.57 13.16 -5.06
CA LEU C 43 10.98 12.29 -6.08
C LEU C 43 12.03 11.90 -7.12
N VAL C 44 12.33 10.61 -7.18
CA VAL C 44 13.27 10.08 -8.17
C VAL C 44 12.51 9.29 -9.24
N ILE C 45 12.83 9.55 -10.49
CA ILE C 45 12.14 8.92 -11.62
C ILE C 45 13.11 8.45 -12.69
N LEU C 46 12.95 7.20 -13.10
CA LEU C 46 13.65 6.66 -14.26
C LEU C 46 12.63 6.42 -15.38
N MET C 47 12.79 7.11 -16.51
CA MET C 47 11.82 7.06 -17.59
C MET C 47 12.46 6.76 -18.95
N ASP C 48 11.67 6.20 -19.87
CA ASP C 48 12.14 5.97 -21.24
C ASP C 48 11.61 7.04 -22.18
N VAL C 49 10.33 7.37 -22.04
CA VAL C 49 9.69 8.35 -22.90
C VAL C 49 8.86 9.29 -22.03
N PHE C 50 8.98 10.59 -22.26
CA PHE C 50 8.30 11.59 -21.44
C PHE C 50 7.80 12.75 -22.29
N THR C 51 6.55 12.65 -22.74
CA THR C 51 5.95 13.64 -23.62
C THR C 51 4.61 14.11 -23.11
N ASP C 52 4.12 13.46 -22.05
CA ASP C 52 2.82 13.81 -21.49
C ASP C 52 2.94 15.04 -20.60
N VAL C 53 2.44 16.16 -21.09
CA VAL C 53 2.54 17.43 -20.39
C VAL C 53 1.96 17.38 -18.99
N GLU C 54 0.87 16.63 -18.84
CA GLU C 54 0.12 16.61 -17.58
C GLU C 54 0.94 16.06 -16.43
N ILE C 55 1.74 15.04 -16.71
CA ILE C 55 2.55 14.43 -15.67
C ILE C 55 3.66 15.39 -15.28
N PHE C 56 4.18 16.12 -16.28
CA PHE C 56 5.22 17.08 -16.01
C PHE C 56 4.66 18.24 -15.19
N CYS C 57 3.38 18.53 -15.38
CA CYS C 57 2.68 19.55 -14.59
C CYS C 57 2.57 19.11 -13.15
N ASP C 58 2.30 17.83 -12.94
CA ASP C 58 2.30 17.26 -11.60
C ASP C 58 3.69 17.30 -10.99
N ILE C 59 4.72 17.24 -11.83
CA ILE C 59 6.09 17.40 -11.33
C ILE C 59 6.32 18.86 -10.93
N LEU C 60 5.92 19.77 -11.80
CA LEU C 60 6.07 21.20 -11.54
C LEU C 60 5.36 21.62 -10.26
N GLU C 61 4.16 21.09 -10.05
CA GLU C 61 3.40 21.42 -8.85
C GLU C 61 4.13 20.94 -7.60
N ALA C 62 4.64 19.73 -7.63
CA ALA C 62 5.36 19.21 -6.48
C ALA C 62 6.59 20.04 -6.22
N ALA C 63 7.25 20.45 -7.31
CA ALA C 63 8.55 21.06 -7.20
C ALA C 63 8.43 22.48 -6.66
N ASN C 64 7.55 23.26 -7.27
CA ASN C 64 7.54 24.68 -7.01
C ASN C 64 6.43 25.14 -6.07
N LYS C 65 5.46 24.27 -5.80
CA LYS C 65 4.39 24.62 -4.86
C LYS C 65 4.57 23.92 -3.53
N ARG C 66 5.23 22.75 -3.55
CA ARG C 66 5.48 21.98 -2.35
C ARG C 66 6.97 21.89 -2.01
N GLY C 67 7.82 22.42 -2.88
CA GLY C 67 9.25 22.41 -2.64
C GLY C 67 9.91 21.05 -2.72
N VAL C 68 9.29 20.12 -3.44
CA VAL C 68 9.84 18.77 -3.63
C VAL C 68 11.04 18.78 -4.57
N PHE C 69 12.12 18.10 -4.17
CA PHE C 69 13.30 18.00 -5.03
C PHE C 69 13.19 16.80 -5.94
N VAL C 70 13.01 17.08 -7.23
CA VAL C 70 12.77 16.06 -8.25
C VAL C 70 14.01 15.82 -9.08
N CYS C 71 14.27 14.55 -9.36
CA CYS C 71 15.34 14.15 -10.26
C CYS C 71 14.86 13.09 -11.26
N VAL C 72 14.98 13.38 -12.54
CA VAL C 72 14.49 12.49 -13.59
C VAL C 72 15.62 11.97 -14.47
N LEU C 73 15.87 10.65 -14.40
CA LEU C 73 16.81 10.01 -15.30
C LEU C 73 16.08 9.59 -16.55
N LEU C 74 16.30 10.30 -17.64
CA LEU C 74 15.61 10.01 -18.89
C LEU C 74 16.53 9.30 -19.88
N ASP C 75 15.99 8.27 -20.55
CA ASP C 75 16.74 7.55 -21.58
C ASP C 75 17.09 8.53 -22.69
N GLN C 76 18.33 8.44 -23.18
CA GLN C 76 18.86 9.39 -24.15
C GLN C 76 17.95 9.49 -25.38
N GLY C 77 17.31 8.38 -25.73
CA GLY C 77 16.49 8.33 -26.92
C GLY C 77 15.10 8.95 -26.78
N GLY C 78 14.91 9.73 -25.73
CA GLY C 78 13.65 10.41 -25.51
C GLY C 78 13.85 11.87 -25.12
N VAL C 79 15.11 12.26 -24.97
CA VAL C 79 15.44 13.63 -24.56
C VAL C 79 14.87 14.63 -25.54
N LYS C 80 14.89 14.26 -26.83
CA LYS C 80 14.47 15.19 -27.88
C LYS C 80 12.99 15.55 -27.79
N LEU C 81 12.12 14.56 -27.71
CA LEU C 81 10.69 14.83 -27.72
C LEU C 81 10.27 15.41 -26.38
N PHE C 82 11.09 15.19 -25.35
CA PHE C 82 10.84 15.80 -24.05
C PHE C 82 11.17 17.29 -24.10
N GLN C 83 12.28 17.63 -24.75
CA GLN C 83 12.68 19.02 -24.93
C GLN C 83 11.62 19.75 -25.73
N GLU C 84 11.05 19.06 -26.73
CA GLU C 84 10.03 19.67 -27.58
C GLU C 84 8.75 19.90 -26.78
N MET C 85 8.50 19.04 -25.80
CA MET C 85 7.39 19.23 -24.90
C MET C 85 7.59 20.49 -24.09
N CYS C 86 8.78 20.63 -23.51
CA CYS C 86 9.10 21.75 -22.64
C CYS C 86 8.92 23.05 -23.40
N ASP C 87 9.46 23.09 -24.61
CA ASP C 87 9.42 24.29 -25.42
C ASP C 87 7.98 24.61 -25.83
N LYS C 88 7.17 23.58 -25.99
CA LYS C 88 5.78 23.78 -26.39
C LYS C 88 5.02 24.55 -25.31
N VAL C 89 5.17 24.13 -24.06
CA VAL C 89 4.53 24.80 -22.93
C VAL C 89 5.46 25.85 -22.31
N GLN C 90 6.59 26.10 -22.98
CA GLN C 90 7.52 27.15 -22.59
C GLN C 90 8.01 27.00 -21.15
N ILE C 91 8.74 25.92 -20.91
CA ILE C 91 9.43 25.75 -19.65
C ILE C 91 10.69 26.60 -19.66
N SER C 92 11.00 27.19 -18.51
CA SER C 92 12.16 28.05 -18.35
C SER C 92 13.12 27.48 -17.32
N ASP C 93 14.29 28.08 -17.19
CA ASP C 93 15.24 27.67 -16.18
C ASP C 93 14.65 27.88 -14.78
N SER C 94 13.76 28.87 -14.67
CA SER C 94 13.13 29.21 -13.40
C SER C 94 12.15 28.14 -12.96
N HIS C 95 11.56 27.46 -13.94
CA HIS C 95 10.66 26.34 -13.66
C HIS C 95 11.42 25.21 -12.98
N LEU C 96 12.68 25.04 -13.36
CA LEU C 96 13.44 23.86 -12.95
C LEU C 96 14.37 24.12 -11.76
N LYS C 97 14.04 25.12 -10.94
CA LYS C 97 14.88 25.48 -9.80
C LYS C 97 15.02 24.31 -8.82
N ASN C 98 14.01 23.46 -8.76
CA ASN C 98 14.02 22.28 -7.89
C ASN C 98 13.90 20.97 -8.68
N ILE C 99 14.03 21.05 -10.01
CA ILE C 99 13.88 19.89 -10.88
C ILE C 99 15.15 19.60 -11.67
N SER C 100 15.54 18.33 -11.73
CA SER C 100 16.73 17.92 -12.46
C SER C 100 16.42 16.84 -13.50
N ILE C 101 16.55 17.20 -14.78
CA ILE C 101 16.40 16.23 -15.87
C ILE C 101 17.78 15.88 -16.42
N ARG C 102 18.12 14.60 -16.32
CA ARG C 102 19.40 14.10 -16.79
C ARG C 102 19.20 13.02 -17.85
N SER C 103 20.21 12.81 -18.67
CA SER C 103 20.21 11.82 -19.73
C SER C 103 20.96 10.56 -19.30
N VAL C 104 20.42 9.40 -19.62
CA VAL C 104 21.11 8.13 -19.34
C VAL C 104 20.96 7.22 -20.55
N GLU C 105 21.94 6.35 -20.76
CA GLU C 105 21.92 5.49 -21.93
C GLU C 105 22.48 4.12 -21.59
N GLY C 106 22.03 3.12 -22.35
CA GLY C 106 22.52 1.76 -22.18
C GLY C 106 23.85 1.58 -22.88
N GLU C 107 24.28 0.33 -23.00
CA GLU C 107 25.59 0.01 -23.57
C GLU C 107 25.68 0.32 -25.06
N ILE C 108 26.88 0.60 -25.53
CA ILE C 108 27.11 0.94 -26.94
C ILE C 108 27.21 -0.31 -27.79
N TYR C 109 26.56 -0.28 -28.94
CA TYR C 109 26.57 -1.40 -29.86
C TYR C 109 26.51 -0.88 -31.30
N CYS C 110 26.78 -1.76 -32.27
CA CYS C 110 26.79 -1.38 -33.68
C CYS C 110 25.47 -1.72 -34.35
N ALA C 111 24.88 -0.74 -35.01
CA ALA C 111 23.70 -0.99 -35.83
C ALA C 111 24.09 -1.72 -37.11
N LYS C 112 23.08 -2.09 -37.91
CA LYS C 112 23.32 -2.76 -39.17
C LYS C 112 24.06 -1.83 -40.13
N SER C 113 23.86 -0.52 -39.97
CA SER C 113 24.45 0.47 -40.86
C SER C 113 25.90 0.78 -40.48
N GLY C 114 26.41 0.07 -39.47
CA GLY C 114 27.74 0.32 -38.99
C GLY C 114 27.79 1.49 -38.01
N ARG C 115 26.66 2.15 -37.82
CA ARG C 115 26.59 3.25 -36.86
C ARG C 115 26.48 2.70 -35.45
N LYS C 116 27.12 3.38 -34.51
CA LYS C 116 27.04 3.02 -33.10
C LYS C 116 25.86 3.72 -32.44
N PHE C 117 25.11 2.96 -31.66
CA PHE C 117 23.90 3.45 -31.01
C PHE C 117 23.90 3.00 -29.56
N ALA C 118 23.05 3.63 -28.75
CA ALA C 118 22.94 3.30 -27.34
C ALA C 118 21.72 2.45 -27.08
N GLY C 119 21.93 1.37 -26.32
CA GLY C 119 20.84 0.50 -25.91
C GLY C 119 19.83 1.30 -25.11
N GLN C 120 18.56 0.95 -25.27
CA GLN C 120 17.51 1.70 -24.61
C GLN C 120 17.34 1.25 -23.18
N ILE C 121 17.15 2.22 -22.30
CA ILE C 121 16.77 1.94 -20.92
C ILE C 121 15.27 1.71 -20.88
N ARG C 122 14.87 0.45 -20.75
CA ARG C 122 13.47 0.08 -20.74
C ARG C 122 12.90 0.04 -19.31
N GLU C 123 13.80 0.04 -18.33
CA GLU C 123 13.40 0.17 -16.93
C GLU C 123 12.60 1.44 -16.71
N LYS C 124 11.54 1.32 -15.93
CA LYS C 124 10.72 2.45 -15.54
C LYS C 124 10.30 2.25 -14.09
N PHE C 125 10.60 3.25 -13.26
CA PHE C 125 10.13 3.23 -11.89
C PHE C 125 10.15 4.61 -11.26
N ILE C 126 9.36 4.79 -10.21
CA ILE C 126 9.26 6.05 -9.48
C ILE C 126 9.50 5.80 -7.99
N ILE C 127 10.44 6.55 -7.41
CA ILE C 127 10.70 6.47 -5.98
C ILE C 127 10.27 7.77 -5.29
N SER C 128 9.27 7.67 -4.42
CA SER C 128 8.74 8.81 -3.71
C SER C 128 9.23 8.83 -2.27
N ASP C 129 9.86 9.94 -1.87
CA ASP C 129 10.27 10.18 -0.48
C ASP C 129 11.09 9.05 0.13
N TRP C 130 11.78 8.29 -0.70
CA TRP C 130 12.55 7.13 -0.25
C TRP C 130 11.71 6.22 0.66
N ARG C 131 10.40 6.21 0.40
CA ARG C 131 9.44 5.46 1.21
C ARG C 131 8.94 4.26 0.43
N PHE C 132 8.51 4.47 -0.81
CA PHE C 132 7.99 3.39 -1.64
C PHE C 132 8.30 3.59 -3.12
N VAL C 133 8.35 2.48 -3.84
CA VAL C 133 8.63 2.48 -5.26
C VAL C 133 7.42 2.07 -6.06
N LEU C 134 7.20 2.75 -7.17
CA LEU C 134 6.21 2.37 -8.17
C LEU C 134 6.93 1.93 -9.44
N SER C 135 6.60 0.74 -9.95
CA SER C 135 7.29 0.23 -11.13
C SER C 135 6.35 -0.58 -12.03
N GLY C 136 6.48 -0.38 -13.33
CA GLY C 136 5.64 -1.10 -14.28
C GLY C 136 5.98 -0.74 -15.70
N SER C 137 4.98 -0.80 -16.57
CA SER C 137 5.16 -0.61 -18.00
C SER C 137 4.64 0.74 -18.48
N TYR C 138 4.19 1.57 -17.54
CA TYR C 138 3.60 2.86 -17.87
C TYR C 138 4.67 3.90 -18.20
N SER C 139 4.67 4.40 -19.43
CA SER C 139 5.57 5.48 -19.83
C SER C 139 4.81 6.80 -19.76
N PHE C 140 5.52 7.89 -19.49
CA PHE C 140 4.87 9.18 -19.40
C PHE C 140 4.48 9.69 -20.79
N THR C 141 3.57 8.97 -21.44
CA THR C 141 3.02 9.37 -22.72
C THR C 141 1.51 9.43 -22.63
N TRP C 142 0.89 10.22 -23.50
CA TRP C 142 -0.55 10.30 -23.57
C TRP C 142 -1.17 8.92 -23.82
N LEU C 143 -0.59 8.15 -24.73
CA LEU C 143 -1.15 6.84 -25.12
C LEU C 143 -1.21 5.84 -23.97
N CYS C 144 -0.13 5.73 -23.19
CA CYS C 144 -0.14 4.88 -22.02
C CYS C 144 -1.23 5.29 -21.04
N GLY C 145 -1.50 6.59 -20.98
CA GLY C 145 -2.44 7.12 -20.01
C GLY C 145 -3.88 7.16 -20.48
N HIS C 146 -4.15 6.58 -21.65
CA HIS C 146 -5.48 6.63 -22.22
C HIS C 146 -5.85 5.35 -22.98
N VAL C 147 -4.94 4.82 -23.80
CA VAL C 147 -5.29 3.69 -24.66
C VAL C 147 -4.58 2.37 -24.33
N HIS C 148 -3.30 2.40 -23.96
CA HIS C 148 -2.57 1.16 -23.67
C HIS C 148 -2.99 0.55 -22.33
N ARG C 149 -2.88 -0.78 -22.25
CA ARG C 149 -3.11 -1.50 -21.01
C ARG C 149 -1.76 -1.77 -20.33
N ASN C 150 -1.54 -1.14 -19.20
CA ASN C 150 -0.28 -1.28 -18.47
C ASN C 150 -0.44 -2.03 -17.16
N ILE C 151 0.68 -2.51 -16.66
CA ILE C 151 0.74 -3.12 -15.34
C ILE C 151 1.59 -2.22 -14.46
N LEU C 152 1.29 -2.24 -13.16
CA LEU C 152 2.05 -1.52 -12.15
C LEU C 152 2.37 -2.40 -10.97
N SER C 153 3.50 -2.13 -10.35
CA SER C 153 3.87 -2.82 -9.11
C SER C 153 4.26 -1.77 -8.09
N LYS C 154 4.03 -2.06 -6.81
CA LYS C 154 4.40 -1.17 -5.73
C LYS C 154 5.29 -1.92 -4.75
N PHE C 155 6.38 -1.29 -4.33
CA PHE C 155 7.31 -1.91 -3.41
C PHE C 155 7.58 -0.99 -2.24
N THR C 156 7.57 -1.55 -1.04
CA THR C 156 7.90 -0.80 0.15
C THR C 156 8.98 -1.56 0.93
N GLY C 157 9.47 -0.94 1.99
CA GLY C 157 10.45 -1.55 2.87
C GLY C 157 11.78 -1.86 2.20
N GLN C 158 12.37 -2.98 2.59
CA GLN C 158 13.74 -3.32 2.17
C GLN C 158 13.88 -3.48 0.66
N ALA C 159 12.78 -3.78 -0.02
CA ALA C 159 12.80 -3.96 -1.46
C ALA C 159 13.22 -2.68 -2.17
N VAL C 160 12.82 -1.55 -1.60
CA VAL C 160 13.13 -0.22 -2.15
C VAL C 160 14.63 0.00 -2.29
N GLU C 161 15.41 -0.72 -1.47
CA GLU C 161 16.86 -0.54 -1.45
C GLU C 161 17.49 -0.87 -2.80
N LEU C 162 17.06 -1.96 -3.42
CA LEU C 162 17.64 -2.39 -4.68
C LEU C 162 17.32 -1.41 -5.81
N PHE C 163 16.17 -0.73 -5.68
CA PHE C 163 15.80 0.30 -6.64
C PHE C 163 16.69 1.51 -6.47
N ASP C 164 16.99 1.83 -5.22
CA ASP C 164 17.85 2.96 -4.89
C ASP C 164 19.24 2.76 -5.48
N GLU C 165 19.79 1.56 -5.28
CA GLU C 165 21.09 1.21 -5.83
C GLU C 165 21.05 1.29 -7.36
N GLU C 166 19.94 0.88 -7.95
CA GLU C 166 19.77 0.96 -9.40
C GLU C 166 19.79 2.41 -9.86
N PHE C 167 19.11 3.27 -9.12
CA PHE C 167 19.08 4.68 -9.43
C PHE C 167 20.47 5.32 -9.34
N ARG C 168 21.22 4.96 -8.29
CA ARG C 168 22.56 5.50 -8.09
C ARG C 168 23.51 5.07 -9.20
N HIS C 169 23.45 3.79 -9.57
CA HIS C 169 24.29 3.27 -10.64
C HIS C 169 24.06 4.06 -11.90
N LEU C 170 22.81 4.14 -12.32
CA LEU C 170 22.45 4.86 -13.53
C LEU C 170 22.77 6.34 -13.39
N TYR C 171 22.60 6.85 -12.18
CA TYR C 171 22.82 8.27 -11.92
C TYR C 171 24.27 8.62 -12.17
N ALA C 172 25.18 7.81 -11.63
CA ALA C 172 26.60 8.06 -11.79
C ALA C 172 26.99 8.18 -13.27
N SER C 173 26.25 7.46 -14.12
CA SER C 173 26.55 7.42 -15.55
C SER C 173 25.70 8.43 -16.30
N SER C 174 24.88 9.18 -15.56
CA SER C 174 23.94 10.10 -16.19
C SER C 174 24.65 11.38 -16.65
N LYS C 175 24.05 12.01 -17.67
CA LYS C 175 24.54 13.26 -18.24
C LYS C 175 23.50 14.36 -18.02
N PRO C 176 23.92 15.56 -17.56
CA PRO C 176 22.95 16.64 -17.31
C PRO C 176 22.27 17.15 -18.58
N VAL C 177 20.99 17.47 -18.50
CA VAL C 177 20.22 17.93 -19.67
C VAL C 177 19.62 19.30 -19.45
N MET C 178 18.97 19.48 -18.30
CA MET C 178 18.38 20.76 -17.95
C MET C 178 18.07 20.79 -16.47
N GLY C 179 17.94 22.01 -15.94
CA GLY C 179 17.52 22.22 -14.57
C GLY C 179 18.65 22.14 -13.58
N LEU C 180 18.30 21.84 -12.33
CA LEU C 180 19.25 21.78 -11.23
C LEU C 180 20.34 20.74 -11.52
N LYS C 181 21.61 21.15 -11.43
CA LYS C 181 22.73 20.23 -11.59
C LYS C 181 23.26 19.70 -10.24
N SER C 182 22.34 19.26 -9.38
CA SER C 182 22.68 18.73 -8.06
C SER C 182 21.58 17.85 -7.48
N PRO D 8 -0.94 -24.61 -6.50
CA PRO D 8 0.42 -24.67 -5.93
C PRO D 8 0.83 -23.37 -5.24
N TYR D 9 0.44 -22.24 -5.84
CA TYR D 9 0.75 -20.93 -5.29
C TYR D 9 -0.27 -20.50 -4.24
N LEU D 10 -1.48 -21.08 -4.32
CA LEU D 10 -2.62 -20.61 -3.53
C LEU D 10 -2.43 -20.82 -2.02
N LYS D 11 -1.40 -21.57 -1.64
CA LYS D 11 -1.16 -21.91 -0.23
C LYS D 11 0.19 -21.41 0.28
N GLU D 12 0.99 -20.79 -0.58
CA GLU D 12 2.31 -20.30 -0.20
C GLU D 12 2.32 -18.79 0.03
N LYS D 13 3.21 -18.35 0.91
CA LYS D 13 3.33 -16.94 1.26
C LYS D 13 3.67 -16.10 0.03
N SER D 14 2.95 -15.00 -0.16
CA SER D 14 3.19 -14.13 -1.30
C SER D 14 4.48 -13.33 -1.12
N SER D 15 5.43 -13.55 -2.04
CA SER D 15 6.72 -12.85 -2.01
C SER D 15 7.00 -12.20 -3.36
N ALA D 16 7.96 -11.29 -3.36
CA ALA D 16 8.34 -10.60 -4.57
C ALA D 16 9.81 -10.21 -4.48
N THR D 17 10.49 -10.29 -5.62
CA THR D 17 11.89 -9.91 -5.71
C THR D 17 12.13 -9.29 -7.08
N VAL D 18 12.96 -8.26 -7.14
CA VAL D 18 13.27 -7.57 -8.39
C VAL D 18 14.69 -7.85 -8.85
N TYR D 19 14.88 -7.90 -10.16
CA TYR D 19 16.17 -8.19 -10.76
C TYR D 19 16.54 -7.06 -11.70
N PHE D 20 17.80 -6.63 -11.64
CA PHE D 20 18.29 -5.58 -12.52
C PHE D 20 19.37 -6.19 -13.38
N GLN D 21 19.56 -5.64 -14.57
CA GLN D 21 20.52 -6.23 -15.48
C GLN D 21 21.94 -6.01 -14.96
N THR D 22 22.75 -7.06 -15.03
CA THR D 22 24.11 -7.03 -14.51
C THR D 22 25.12 -6.54 -15.54
N VAL D 23 26.33 -6.26 -15.08
CA VAL D 23 27.41 -5.79 -15.95
C VAL D 23 27.92 -6.90 -16.89
N ASN D 26 24.22 -11.15 -19.44
CA ASN D 26 22.81 -10.78 -19.52
C ASN D 26 21.94 -11.73 -18.68
N ASN D 27 21.90 -11.46 -17.38
CA ASN D 27 21.18 -12.30 -16.43
C ASN D 27 19.67 -12.26 -16.63
N ILE D 28 19.16 -11.17 -17.18
CA ILE D 28 17.73 -11.02 -17.38
C ILE D 28 17.26 -12.05 -18.39
N ARG D 29 17.94 -12.12 -19.53
CA ARG D 29 17.61 -13.12 -20.53
C ARG D 29 17.76 -14.50 -19.92
N ASP D 30 18.81 -14.68 -19.13
CA ASP D 30 19.08 -15.98 -18.56
C ASP D 30 17.90 -16.44 -17.70
N LEU D 31 17.44 -15.56 -16.82
CA LEU D 31 16.31 -15.87 -15.94
C LEU D 31 15.07 -16.27 -16.73
N VAL D 32 14.78 -15.50 -17.78
CA VAL D 32 13.62 -15.76 -18.63
C VAL D 32 13.70 -17.14 -19.25
N ARG D 33 14.82 -17.42 -19.91
CA ARG D 33 15.03 -18.71 -20.55
C ARG D 33 15.05 -19.82 -19.51
N ARG D 34 15.71 -19.59 -18.38
CA ARG D 34 15.81 -20.61 -17.36
C ARG D 34 14.42 -20.96 -16.81
N CYS D 35 13.55 -19.95 -16.74
CA CYS D 35 12.16 -20.17 -16.33
C CYS D 35 11.40 -21.07 -17.29
N ILE D 36 11.67 -20.91 -18.58
CA ILE D 36 11.03 -21.71 -19.61
C ILE D 36 11.61 -23.13 -19.73
N THR D 37 12.92 -23.26 -19.58
CA THR D 37 13.57 -24.56 -19.71
C THR D 37 13.36 -25.44 -18.49
N ARG D 38 12.94 -24.84 -17.38
CA ARG D 38 12.75 -25.59 -16.14
C ARG D 38 11.26 -25.76 -15.78
N THR D 39 10.37 -25.28 -16.64
CA THR D 39 8.94 -25.51 -16.46
C THR D 39 8.62 -26.99 -16.66
N SER D 40 7.74 -27.52 -15.82
CA SER D 40 7.44 -28.96 -15.82
C SER D 40 6.12 -29.29 -16.51
N GLN D 41 5.05 -28.62 -16.10
CA GLN D 41 3.70 -29.04 -16.47
C GLN D 41 2.96 -28.04 -17.35
N VAL D 42 3.02 -26.76 -17.00
CA VAL D 42 2.22 -25.75 -17.70
C VAL D 42 2.90 -24.40 -17.68
N LEU D 43 2.70 -23.66 -18.77
CA LEU D 43 3.42 -22.40 -19.02
C LEU D 43 2.50 -21.39 -19.68
N VAL D 44 2.13 -20.36 -18.92
CA VAL D 44 1.29 -19.27 -19.42
C VAL D 44 2.18 -18.06 -19.67
N ILE D 45 1.97 -17.41 -20.81
CA ILE D 45 2.79 -16.27 -21.22
C ILE D 45 1.95 -15.17 -21.82
N LEU D 46 2.16 -13.95 -21.32
CA LEU D 46 1.53 -12.78 -21.88
C LEU D 46 2.64 -11.94 -22.48
N MET D 47 2.52 -11.59 -23.75
CA MET D 47 3.60 -10.96 -24.47
C MET D 47 3.07 -9.94 -25.46
N ASP D 48 3.86 -8.90 -25.70
CA ASP D 48 3.50 -7.85 -26.64
C ASP D 48 4.17 -8.05 -28.00
N VAL D 49 5.41 -8.53 -27.99
CA VAL D 49 6.18 -8.70 -29.21
C VAL D 49 6.98 -9.99 -29.15
N PHE D 50 6.84 -10.82 -30.17
CA PHE D 50 7.52 -12.10 -30.19
C PHE D 50 8.17 -12.31 -31.55
N THR D 51 9.49 -12.15 -31.60
CA THR D 51 10.24 -12.31 -32.84
C THR D 51 11.53 -13.09 -32.63
N ASP D 52 11.89 -13.35 -31.37
CA ASP D 52 13.13 -14.05 -31.07
C ASP D 52 12.97 -15.56 -31.22
N VAL D 53 13.58 -16.11 -32.27
CA VAL D 53 13.46 -17.53 -32.57
C VAL D 53 13.92 -18.40 -31.40
N GLU D 54 15.00 -17.98 -30.74
CA GLU D 54 15.60 -18.78 -29.67
C GLU D 54 14.61 -19.05 -28.54
N ILE D 55 13.82 -18.04 -28.18
CA ILE D 55 12.86 -18.17 -27.09
C ILE D 55 11.76 -19.14 -27.51
N PHE D 56 11.28 -18.96 -28.74
CA PHE D 56 10.26 -19.86 -29.26
C PHE D 56 10.81 -21.28 -29.33
N CYS D 57 12.10 -21.41 -29.58
CA CYS D 57 12.74 -22.72 -29.57
C CYS D 57 12.73 -23.32 -28.17
N ASP D 58 12.88 -22.47 -27.16
CA ASP D 58 12.81 -22.93 -25.77
C ASP D 58 11.39 -23.41 -25.48
N ILE D 59 10.42 -22.75 -26.09
CA ILE D 59 9.03 -23.16 -25.91
C ILE D 59 8.78 -24.50 -26.61
N LEU D 60 9.26 -24.66 -27.84
CA LEU D 60 9.08 -25.90 -28.58
C LEU D 60 9.68 -27.05 -27.80
N GLU D 61 10.84 -26.82 -27.21
CA GLU D 61 11.51 -27.83 -26.41
C GLU D 61 10.59 -28.25 -25.26
N ALA D 62 10.12 -27.27 -24.50
CA ALA D 62 9.27 -27.51 -23.34
C ALA D 62 8.01 -28.26 -23.75
N ALA D 63 7.38 -27.80 -24.83
CA ALA D 63 6.12 -28.34 -25.30
C ALA D 63 6.25 -29.76 -25.84
N ASN D 64 7.21 -30.00 -26.74
CA ASN D 64 7.27 -31.26 -27.47
C ASN D 64 8.29 -32.27 -26.93
N LYS D 65 9.31 -31.80 -26.22
CA LYS D 65 10.29 -32.70 -25.63
C LYS D 65 9.99 -32.95 -24.15
N ARG D 66 9.25 -32.03 -23.54
CA ARG D 66 8.71 -32.22 -22.19
C ARG D 66 7.17 -32.13 -22.20
N GLY D 67 6.52 -32.48 -21.09
CA GLY D 67 5.07 -32.56 -21.09
C GLY D 67 4.35 -31.23 -20.97
N VAL D 68 5.06 -30.13 -21.21
CA VAL D 68 4.55 -28.80 -20.93
C VAL D 68 3.43 -28.38 -21.88
N PHE D 69 2.31 -27.95 -21.31
CA PHE D 69 1.25 -27.33 -22.10
C PHE D 69 1.48 -25.82 -22.06
N VAL D 70 1.62 -25.23 -23.24
CA VAL D 70 1.98 -23.82 -23.38
C VAL D 70 0.84 -23.03 -23.98
N CYS D 71 0.50 -21.92 -23.33
CA CYS D 71 -0.47 -20.98 -23.85
C CYS D 71 0.17 -19.60 -23.85
N VAL D 72 0.09 -18.93 -25.00
CA VAL D 72 0.73 -17.64 -25.17
C VAL D 72 -0.30 -16.65 -25.63
N LEU D 73 -0.51 -15.63 -24.80
CA LEU D 73 -1.38 -14.54 -25.18
C LEU D 73 -0.48 -13.46 -25.75
N LEU D 74 -0.60 -13.26 -27.06
CA LEU D 74 0.23 -12.31 -27.78
C LEU D 74 -0.58 -11.10 -28.19
N ASP D 75 -0.07 -9.90 -27.92
CA ASP D 75 -0.74 -8.67 -28.32
C ASP D 75 -0.95 -8.67 -29.82
N GLN D 76 -2.16 -8.35 -30.25
CA GLN D 76 -2.57 -8.50 -31.65
C GLN D 76 -1.57 -7.92 -32.66
N GLY D 77 -1.01 -6.76 -32.37
CA GLY D 77 0.09 -6.27 -33.19
C GLY D 77 1.38 -6.94 -32.75
N GLY D 78 2.04 -7.62 -33.66
CA GLY D 78 3.21 -8.42 -33.30
C GLY D 78 2.90 -9.87 -33.61
N VAL D 79 1.62 -10.17 -33.75
CA VAL D 79 1.20 -11.47 -34.26
C VAL D 79 1.71 -11.63 -35.69
N LYS D 80 1.67 -10.55 -36.46
CA LYS D 80 2.19 -10.55 -37.82
C LYS D 80 3.64 -11.01 -37.86
N LEU D 81 4.51 -10.30 -37.14
CA LEU D 81 5.93 -10.63 -37.13
C LEU D 81 6.15 -11.99 -36.48
N PHE D 82 5.27 -12.37 -35.57
CA PHE D 82 5.38 -13.68 -34.95
C PHE D 82 5.11 -14.76 -35.99
N GLN D 83 4.15 -14.48 -36.88
CA GLN D 83 3.81 -15.41 -37.94
C GLN D 83 4.99 -15.54 -38.91
N GLU D 84 5.61 -14.41 -39.22
CA GLU D 84 6.76 -14.39 -40.11
C GLU D 84 7.90 -15.19 -39.52
N MET D 85 8.14 -15.03 -38.22
CA MET D 85 9.19 -15.80 -37.56
C MET D 85 8.93 -17.29 -37.73
N CYS D 86 7.67 -17.69 -37.58
CA CYS D 86 7.30 -19.09 -37.73
C CYS D 86 7.53 -19.56 -39.15
N ASP D 87 7.15 -18.74 -40.13
CA ASP D 87 7.29 -19.12 -41.52
C ASP D 87 8.77 -19.26 -41.88
N LYS D 88 9.58 -18.37 -41.32
CA LYS D 88 11.02 -18.32 -41.63
C LYS D 88 11.70 -19.64 -41.27
N VAL D 89 11.36 -20.19 -40.11
CA VAL D 89 11.96 -21.43 -39.64
C VAL D 89 11.04 -22.63 -39.89
N GLN D 90 10.00 -22.39 -40.70
CA GLN D 90 9.01 -23.40 -41.09
C GLN D 90 8.33 -24.13 -39.92
N ILE D 91 7.67 -23.38 -39.05
CA ILE D 91 6.87 -23.96 -37.98
C ILE D 91 5.57 -24.52 -38.56
N SER D 92 5.18 -25.70 -38.11
CA SER D 92 4.00 -26.37 -38.63
C SER D 92 3.00 -26.71 -37.51
N ASP D 93 1.79 -27.11 -37.89
CA ASP D 93 0.75 -27.49 -36.93
C ASP D 93 1.22 -28.63 -36.05
N SER D 94 2.15 -29.43 -36.56
CA SER D 94 2.71 -30.53 -35.78
C SER D 94 3.58 -30.00 -34.64
N HIS D 95 4.22 -28.86 -34.86
CA HIS D 95 5.02 -28.24 -33.81
C HIS D 95 4.15 -27.87 -32.62
N LEU D 96 2.90 -27.48 -32.91
CA LEU D 96 2.03 -26.87 -31.92
C LEU D 96 1.01 -27.83 -31.31
N LYS D 97 1.41 -29.08 -31.14
CA LYS D 97 0.50 -30.08 -30.56
C LYS D 97 0.14 -29.69 -29.12
N ASN D 98 1.10 -29.09 -28.41
CA ASN D 98 0.91 -28.70 -27.01
C ASN D 98 1.14 -27.21 -26.78
N ILE D 99 1.06 -26.44 -27.87
CA ILE D 99 1.27 -24.99 -27.82
C ILE D 99 0.08 -24.25 -28.40
N SER D 100 -0.36 -23.23 -27.68
CA SER D 100 -1.55 -22.46 -28.07
C SER D 100 -1.22 -20.98 -28.12
N ILE D 101 -1.18 -20.42 -29.34
CA ILE D 101 -0.99 -19.00 -29.51
C ILE D 101 -2.33 -18.36 -29.82
N ARG D 102 -2.77 -17.46 -28.94
CA ARG D 102 -4.01 -16.71 -29.11
C ARG D 102 -3.68 -15.23 -29.05
N SER D 103 -4.40 -14.41 -29.81
CA SER D 103 -4.16 -12.97 -29.80
C SER D 103 -5.08 -12.29 -28.81
N VAL D 104 -4.54 -11.27 -28.14
CA VAL D 104 -5.33 -10.39 -27.29
C VAL D 104 -5.11 -8.96 -27.74
N GLU D 105 -6.09 -8.10 -27.48
CA GLU D 105 -5.98 -6.70 -27.86
C GLU D 105 -6.62 -5.83 -26.77
N GLY D 106 -6.08 -4.63 -26.58
CA GLY D 106 -6.61 -3.70 -25.59
C GLY D 106 -7.97 -3.17 -26.01
N GLU D 107 -8.43 -2.11 -25.34
CA GLU D 107 -9.72 -1.52 -25.66
C GLU D 107 -9.64 -0.81 -27.00
N ILE D 108 -10.80 -0.57 -27.61
CA ILE D 108 -10.88 0.06 -28.93
C ILE D 108 -10.91 1.57 -28.80
N TYR D 109 -10.12 2.25 -29.63
CA TYR D 109 -10.10 3.72 -29.62
C TYR D 109 -9.93 4.26 -31.03
N CYS D 110 -10.32 5.51 -31.24
CA CYS D 110 -10.27 6.12 -32.58
C CYS D 110 -8.92 6.78 -32.84
N ALA D 111 -8.24 6.30 -33.88
CA ALA D 111 -7.03 6.96 -34.36
C ALA D 111 -7.41 8.29 -34.99
N LYS D 112 -6.41 9.09 -35.32
CA LYS D 112 -6.66 10.39 -35.90
C LYS D 112 -7.28 10.26 -37.28
N SER D 113 -7.01 9.14 -37.95
CA SER D 113 -7.56 8.90 -39.28
C SER D 113 -9.02 8.47 -39.25
N GLY D 114 -9.57 8.29 -38.05
CA GLY D 114 -10.93 7.81 -37.91
C GLY D 114 -11.00 6.29 -37.91
N ARG D 115 -9.87 5.63 -38.15
CA ARG D 115 -9.83 4.18 -38.08
C ARG D 115 -9.78 3.72 -36.63
N LYS D 116 -10.53 2.66 -36.31
CA LYS D 116 -10.54 2.12 -34.96
C LYS D 116 -9.37 1.19 -34.74
N PHE D 117 -8.62 1.44 -33.66
CA PHE D 117 -7.46 0.63 -33.32
C PHE D 117 -7.64 0.09 -31.91
N ALA D 118 -6.86 -0.94 -31.58
CA ALA D 118 -6.88 -1.52 -30.25
C ALA D 118 -5.63 -1.12 -29.49
N GLY D 119 -5.81 -0.58 -28.30
CA GLY D 119 -4.69 -0.23 -27.44
C GLY D 119 -3.76 -1.41 -27.25
N GLN D 120 -2.49 -1.13 -27.01
CA GLN D 120 -1.52 -2.19 -26.85
C GLN D 120 -1.56 -2.78 -25.45
N ILE D 121 -1.47 -4.10 -25.38
CA ILE D 121 -1.26 -4.79 -24.13
C ILE D 121 0.23 -4.79 -23.80
N ARG D 122 0.67 -3.80 -23.03
CA ARG D 122 2.07 -3.66 -22.67
C ARG D 122 2.47 -4.56 -21.50
N GLU D 123 1.47 -5.18 -20.87
CA GLU D 123 1.72 -6.15 -19.80
C GLU D 123 2.52 -7.34 -20.33
N LYS D 124 3.58 -7.72 -19.61
CA LYS D 124 4.38 -8.87 -19.99
C LYS D 124 4.66 -9.72 -18.76
N PHE D 125 4.22 -10.98 -18.79
CA PHE D 125 4.62 -11.89 -17.72
C PHE D 125 4.58 -13.36 -18.13
N ILE D 126 5.23 -14.17 -17.33
CA ILE D 126 5.32 -15.61 -17.53
C ILE D 126 4.90 -16.27 -16.25
N ILE D 127 3.99 -17.22 -16.33
CA ILE D 127 3.56 -17.99 -15.17
C ILE D 127 3.95 -19.45 -15.39
N SER D 128 4.84 -19.95 -14.53
CA SER D 128 5.38 -21.29 -14.68
C SER D 128 4.82 -22.25 -13.65
N ASP D 129 4.14 -23.29 -14.11
CA ASP D 129 3.65 -24.36 -13.24
C ASP D 129 2.72 -23.85 -12.13
N TRP D 130 2.10 -22.70 -12.36
CA TRP D 130 1.32 -22.02 -11.33
C TRP D 130 2.09 -21.93 -10.01
N ARG D 131 3.42 -21.81 -10.10
CA ARG D 131 4.28 -21.79 -8.91
C ARG D 131 4.87 -20.40 -8.71
N PHE D 132 5.35 -19.80 -9.78
CA PHE D 132 5.91 -18.45 -9.72
C PHE D 132 5.65 -17.69 -11.01
N VAL D 133 5.71 -16.36 -10.91
CA VAL D 133 5.54 -15.50 -12.06
C VAL D 133 6.82 -14.70 -12.31
N LEU D 134 7.14 -14.51 -13.60
CA LEU D 134 8.14 -13.52 -14.00
C LEU D 134 7.39 -12.43 -14.73
N SER D 135 7.70 -11.18 -14.37
CA SER D 135 7.09 -10.03 -14.99
C SER D 135 8.15 -8.94 -15.05
N GLY D 136 8.12 -8.10 -16.07
CA GLY D 136 9.09 -7.03 -16.19
C GLY D 136 9.00 -6.31 -17.53
N SER D 137 10.10 -5.70 -17.97
CA SER D 137 10.12 -4.95 -19.23
C SER D 137 10.65 -5.78 -20.41
N TYR D 138 10.99 -7.04 -20.16
CA TYR D 138 11.63 -7.88 -21.18
C TYR D 138 10.65 -8.38 -22.20
N SER D 139 10.87 -8.02 -23.46
CA SER D 139 10.06 -8.53 -24.55
C SER D 139 10.84 -9.59 -25.31
N PHE D 140 10.10 -10.48 -25.97
CA PHE D 140 10.72 -11.58 -26.71
C PHE D 140 11.24 -11.13 -28.07
N THR D 141 12.24 -10.24 -28.03
CA THR D 141 12.90 -9.79 -29.25
C THR D 141 14.39 -9.90 -29.07
N TRP D 142 15.11 -9.98 -30.18
CA TRP D 142 16.56 -10.06 -30.12
C TRP D 142 17.14 -8.86 -29.39
N LEU D 143 16.68 -7.66 -29.73
CA LEU D 143 17.20 -6.46 -29.10
C LEU D 143 17.05 -6.50 -27.58
N CYS D 144 15.89 -6.94 -27.10
CA CYS D 144 15.64 -6.96 -25.66
C CYS D 144 16.65 -7.83 -24.95
N GLY D 145 17.06 -8.91 -25.61
CA GLY D 145 17.97 -9.86 -25.00
C GLY D 145 19.44 -9.64 -25.33
N HIS D 146 19.80 -8.48 -25.87
CA HIS D 146 21.17 -8.22 -26.29
C HIS D 146 21.66 -6.77 -26.15
N VAL D 147 20.77 -5.79 -26.31
CA VAL D 147 21.18 -4.39 -26.27
C VAL D 147 20.41 -3.54 -25.26
N HIS D 148 19.14 -3.86 -25.02
CA HIS D 148 18.29 -3.06 -24.16
C HIS D 148 18.46 -3.40 -22.68
N ARG D 149 18.27 -2.41 -21.82
CA ARG D 149 18.36 -2.61 -20.38
C ARG D 149 16.98 -2.83 -19.77
N ASN D 150 16.76 -4.02 -19.23
CA ASN D 150 15.46 -4.42 -18.72
C ASN D 150 15.46 -4.65 -17.23
N ILE D 151 14.28 -4.51 -16.63
CA ILE D 151 14.05 -4.84 -15.23
C ILE D 151 13.16 -6.07 -15.21
N LEU D 152 13.33 -6.91 -14.20
CA LEU D 152 12.55 -8.14 -14.10
C LEU D 152 12.11 -8.40 -12.66
N SER D 153 10.86 -8.82 -12.49
CA SER D 153 10.27 -9.09 -11.18
C SER D 153 9.80 -10.53 -11.11
N LYS D 154 10.02 -11.17 -9.97
CA LYS D 154 9.52 -12.53 -9.73
C LYS D 154 8.53 -12.57 -8.57
N PHE D 155 7.35 -13.13 -8.82
CA PHE D 155 6.30 -13.23 -7.80
C PHE D 155 5.96 -14.69 -7.50
N THR D 156 6.02 -15.06 -6.22
CA THR D 156 5.60 -16.40 -5.79
C THR D 156 4.46 -16.30 -4.79
N GLY D 157 3.82 -17.43 -4.50
CA GLY D 157 2.77 -17.45 -3.50
C GLY D 157 1.49 -16.80 -3.99
N GLN D 158 0.69 -16.33 -3.04
CA GLN D 158 -0.67 -15.88 -3.34
C GLN D 158 -0.70 -14.62 -4.20
N ALA D 159 0.45 -14.00 -4.41
CA ALA D 159 0.53 -12.87 -5.33
C ALA D 159 0.14 -13.33 -6.74
N VAL D 160 0.55 -14.54 -7.10
CA VAL D 160 0.26 -15.16 -8.38
C VAL D 160 -1.25 -15.20 -8.68
N GLU D 161 -2.05 -15.21 -7.62
CA GLU D 161 -3.50 -15.15 -7.75
C GLU D 161 -3.93 -14.05 -8.70
N LEU D 162 -3.43 -12.83 -8.47
CA LEU D 162 -3.82 -11.70 -9.27
C LEU D 162 -3.36 -11.87 -10.72
N PHE D 163 -2.24 -12.58 -10.92
CA PHE D 163 -1.73 -12.82 -12.25
C PHE D 163 -2.56 -13.88 -12.97
N ASP D 164 -2.95 -14.92 -12.23
CA ASP D 164 -3.80 -15.97 -12.78
C ASP D 164 -5.09 -15.35 -13.27
N GLU D 165 -5.74 -14.55 -12.43
CA GLU D 165 -7.02 -13.96 -12.79
C GLU D 165 -6.87 -13.05 -14.01
N GLU D 166 -5.77 -12.30 -14.06
CA GLU D 166 -5.48 -11.40 -15.17
C GLU D 166 -5.34 -12.16 -16.48
N PHE D 167 -4.74 -13.34 -16.39
CA PHE D 167 -4.58 -14.16 -17.56
C PHE D 167 -5.97 -14.61 -18.06
N ARG D 168 -6.75 -15.20 -17.16
CA ARG D 168 -8.07 -15.74 -17.50
C ARG D 168 -8.99 -14.67 -18.09
N HIS D 169 -8.93 -13.48 -17.50
CA HIS D 169 -9.67 -12.32 -18.01
C HIS D 169 -9.24 -11.99 -19.43
N LEU D 170 -7.93 -11.97 -19.66
CA LEU D 170 -7.38 -11.69 -20.98
C LEU D 170 -7.65 -12.84 -21.94
N TYR D 171 -7.67 -14.05 -21.41
CA TYR D 171 -7.88 -15.23 -22.24
C TYR D 171 -9.29 -15.21 -22.82
N ALA D 172 -10.26 -14.90 -22.00
CA ALA D 172 -11.66 -14.97 -22.40
C ALA D 172 -11.97 -14.03 -23.57
N SER D 173 -11.13 -13.04 -23.78
CA SER D 173 -11.32 -12.11 -24.89
C SER D 173 -10.43 -12.45 -26.09
N SER D 174 -9.59 -13.46 -25.93
CA SER D 174 -8.58 -13.78 -26.94
C SER D 174 -9.16 -14.49 -28.17
N LYS D 175 -8.55 -14.24 -29.32
CA LYS D 175 -8.84 -14.96 -30.56
C LYS D 175 -7.78 -16.04 -30.78
N PRO D 176 -8.16 -17.16 -31.43
CA PRO D 176 -7.14 -18.17 -31.81
C PRO D 176 -6.30 -17.68 -32.97
N VAL D 177 -5.00 -18.00 -32.94
CA VAL D 177 -4.08 -17.59 -33.98
C VAL D 177 -3.44 -18.82 -34.64
N MET D 178 -2.93 -19.72 -33.81
CA MET D 178 -2.37 -20.96 -34.32
C MET D 178 -2.21 -21.96 -33.17
N GLY D 179 -2.07 -23.23 -33.52
CA GLY D 179 -1.83 -24.25 -32.53
C GLY D 179 -3.07 -24.79 -31.86
N LEU D 180 -2.86 -25.44 -30.71
CA LEU D 180 -3.92 -26.14 -30.00
C LEU D 180 -5.11 -25.23 -29.77
N LYS D 181 -6.23 -25.57 -30.39
CA LYS D 181 -7.42 -24.75 -30.34
C LYS D 181 -8.18 -24.89 -29.02
N SER D 182 -7.78 -25.85 -28.19
CA SER D 182 -8.47 -26.12 -26.92
C SER D 182 -7.52 -26.58 -25.82
N PRO D 183 -6.84 -25.62 -25.15
CA PRO D 183 -5.87 -25.96 -24.09
C PRO D 183 -6.53 -26.34 -22.77
C1 EDO E . -19.91 -13.55 9.90
O1 EDO E . -21.04 -14.30 9.46
C2 EDO E . -18.66 -14.21 9.35
O2 EDO E . -18.01 -14.87 10.44
H11 EDO E . -18.00 -13.46 8.91
H12 EDO E . -18.92 -14.94 8.58
HO1 EDO E . -17.20 -15.29 10.11
H21 EDO E . -19.88 -13.53 10.99
H22 EDO E . -19.99 -12.53 9.54
HO2 EDO E . -21.85 -13.91 9.80
C1 EDO F . -14.70 11.88 33.92
O1 EDO F . -15.72 12.68 33.31
C2 EDO F . -13.52 12.77 34.33
O2 EDO F . -12.91 12.29 35.54
H11 EDO F . -13.87 13.79 34.46
H12 EDO F . -12.78 12.77 33.52
HO1 EDO F . -12.17 12.87 35.77
H21 EDO F . -14.36 11.12 33.20
H22 EDO F . -15.09 11.37 34.80
HO2 EDO F . -16.47 12.12 33.06
C1 EDO G . 6.61 3.13 -14.33
O1 EDO G . 5.56 2.20 -14.58
C2 EDO G . 6.08 4.23 -13.40
O2 EDO G . 5.11 4.98 -14.14
H11 EDO G . 6.90 4.87 -13.08
H12 EDO G . 5.62 3.78 -12.52
HO1 EDO G . 4.76 5.68 -13.57
H21 EDO G . 6.95 3.58 -15.26
H22 EDO G . 7.46 2.64 -13.86
HO2 EDO G . 5.88 1.50 -15.17
C1 EDO H . 21.58 22.32 -18.82
O1 EDO H . 20.62 23.07 -19.58
C2 EDO H . 21.65 22.84 -17.39
O2 EDO H . 21.33 21.76 -16.49
H11 EDO H . 20.94 23.66 -17.26
H12 EDO H . 22.65 23.20 -17.18
HO1 EDO H . 21.36 22.07 -15.58
H21 EDO H . 22.56 22.40 -19.29
H22 EDO H . 21.30 21.26 -18.82
HO2 EDO H . 20.58 22.73 -20.49
C1 EDO I . 0.74 -28.67 -41.55
O1 EDO I . 1.37 -27.39 -41.56
C2 EDO I . 1.63 -29.70 -40.86
O2 EDO I . 0.80 -30.67 -40.21
H11 EDO I . 2.26 -29.20 -40.11
H12 EDO I . 2.27 -30.19 -41.59
HO1 EDO I . 1.36 -31.33 -39.77
H21 EDO I . 0.54 -28.99 -42.58
H22 EDO I . -0.23 -28.60 -41.03
HO2 EDO I . 0.79 -26.75 -42.01
C1 EDO J . -4.01 5.59 -38.96
O1 EDO J . -4.15 5.24 -40.35
C2 EDO J . -3.34 6.95 -38.83
O2 EDO J . -3.83 7.62 -37.65
H11 EDO J . -3.57 7.55 -39.71
H12 EDO J . -2.26 6.82 -38.77
HO1 EDO J . -3.40 8.48 -37.57
H21 EDO J . -3.40 4.83 -38.46
H22 EDO J . -4.99 5.60 -38.49
HO2 EDO J . -4.57 4.37 -40.42
C1 EDO K . 18.44 -23.98 -28.39
O1 EDO K . 17.89 -22.82 -29.01
C2 EDO K . 17.36 -25.01 -28.04
O2 EDO K . 16.12 -24.36 -27.65
H11 EDO K . 17.70 -25.65 -27.23
H12 EDO K . 17.17 -25.64 -28.92
HO1 EDO K . 15.46 -25.03 -27.44
H21 EDO K . 18.96 -23.70 -27.47
H22 EDO K . 19.17 -24.45 -29.05
HO2 EDO K . 18.60 -22.19 -29.21
#